data_7BZX
#
_entry.id   7BZX
#
_entity_poly.entity_id   1
_entity_poly.type   'polypeptide(L)'
_entity_poly.pdbx_seq_one_letter_code
;MADLNWISAGHAIADVGTASLAEKGEYYSNRPPTPLLDTINYPIHMKNLSVKELKQLSDELRSDVIFNVSKTGGHLGSSL
GVVELTVALHYIFNTPQDKILWDVGHQSYPHKILTGRRGKMPTMRQTNGLSGFTKRGESEHDCFGTGHSSTTISAGLGMA
VGRDLKGKNNNVVAVIGDGAMTAGQAYEAMNNAGYLDSDMIVILNDNKQVSLPTATLDGPSPPVGALSSALSRLQSNPAL
RELREVAKGMTKQIGGPMHQLAAKVDEYARGMISGTGSSLFEELGLYYIGPVDGHNIDDLVAILKEVKSTRTTGPVLIHV
VTEKGRGYPYAERADDKYHGVVKFDPATGRQFKTTNKTQSYTTYFAEALVAEAEVDKDVVAIHAAMGGGTGLNLFQRRFP
TRCFDVGIAEQHAVTFAAGLACEGLKPFCAIYSSFMQRAYDQVVHDVDLQKLPVRFAMDRAGLVGADGPTHCGAFDVTFM
ACLPNMIVMAPSDEADLFNMVATAVAIDDRPSCFRYPRGNGIGVALPPGNKGVPIEIGKGRILKEGERVALLGYGSAVQS
CLGAAVMLEERGLNVTVADARFCKPLDRALIRSLAKSHEVLITVEEGSIGGFGSHVVQFLALDGLLDGKLKWRPMVLPDR
YIDHGAPADQLAEAGLMPSHIAATALNLIGAPREALFHHHHHHDYKDDDDK
;
_entity_poly.pdbx_strand_id   B,A
#
# COMPACT_ATOMS: atom_id res chain seq x y z
N PRO A 33 -18.76 -19.47 -35.54
CA PRO A 33 -19.38 -20.77 -35.83
C PRO A 33 -18.92 -21.81 -34.80
N THR A 34 -19.45 -21.77 -33.57
CA THR A 34 -19.05 -22.69 -32.46
C THR A 34 -18.32 -23.97 -32.93
N PRO A 35 -18.94 -24.95 -33.62
CA PRO A 35 -18.30 -26.22 -34.02
C PRO A 35 -16.77 -26.39 -33.90
N LEU A 36 -15.98 -25.64 -34.69
CA LEU A 36 -14.50 -25.82 -34.68
C LEU A 36 -13.93 -25.63 -33.27
N LEU A 37 -14.13 -24.46 -32.67
CA LEU A 37 -13.59 -24.18 -31.31
C LEU A 37 -14.41 -24.95 -30.26
N ASP A 38 -15.61 -25.41 -30.61
CA ASP A 38 -16.42 -26.22 -29.67
C ASP A 38 -15.77 -27.60 -29.52
N THR A 39 -15.30 -28.18 -30.64
CA THR A 39 -14.61 -29.50 -30.58
C THR A 39 -13.21 -29.28 -29.96
N ILE A 40 -12.71 -28.05 -29.97
CA ILE A 40 -11.41 -27.76 -29.31
C ILE A 40 -11.67 -27.79 -27.80
N ASN A 41 -10.92 -28.59 -27.04
CA ASN A 41 -11.20 -28.73 -25.59
C ASN A 41 -9.94 -28.40 -24.77
N TYR A 42 -8.75 -28.62 -25.34
CA TYR A 42 -7.49 -28.42 -24.57
C TYR A 42 -6.51 -27.55 -25.34
N PRO A 43 -5.45 -26.98 -24.72
CA PRO A 43 -4.41 -26.24 -25.42
C PRO A 43 -3.92 -27.02 -26.65
N ILE A 44 -3.79 -28.35 -26.50
CA ILE A 44 -3.34 -29.21 -27.62
C ILE A 44 -4.32 -29.05 -28.78
N HIS A 45 -5.61 -29.09 -28.46
CA HIS A 45 -6.65 -28.96 -29.50
C HIS A 45 -6.52 -27.60 -30.20
N MET A 46 -6.30 -26.55 -29.42
CA MET A 46 -6.14 -25.19 -29.99
C MET A 46 -4.94 -25.21 -30.94
N LYS A 47 -3.83 -25.82 -30.50
CA LYS A 47 -2.60 -25.90 -31.32
C LYS A 47 -2.92 -26.61 -32.63
N ASN A 48 -3.70 -27.68 -32.54
CA ASN A 48 -4.12 -28.43 -33.76
C ASN A 48 -4.78 -27.48 -34.77
N LEU A 49 -5.56 -26.49 -34.32
CA LEU A 49 -6.13 -25.49 -35.28
C LEU A 49 -5.14 -24.32 -35.43
N SER A 50 -4.27 -24.35 -36.45
CA SER A 50 -3.20 -23.31 -36.56
C SER A 50 -3.53 -22.22 -37.60
N VAL A 51 -2.70 -22.08 -38.64
CA VAL A 51 -2.87 -21.02 -39.68
C VAL A 51 -4.24 -21.15 -40.34
N LYS A 52 -4.70 -20.15 -41.10
CA LYS A 52 -6.05 -20.16 -41.76
C LYS A 52 -7.06 -20.93 -40.91
N GLU A 53 -6.98 -20.81 -39.59
CA GLU A 53 -7.86 -21.51 -38.63
C GLU A 53 -7.96 -20.50 -37.50
N LEU A 54 -6.92 -19.67 -37.38
CA LEU A 54 -6.94 -18.60 -36.33
C LEU A 54 -8.13 -17.67 -36.58
N LYS A 55 -8.34 -17.29 -37.85
CA LYS A 55 -9.47 -16.40 -38.21
C LYS A 55 -10.77 -17.07 -37.80
N GLN A 56 -10.90 -18.37 -38.08
CA GLN A 56 -12.13 -19.13 -37.73
C GLN A 56 -12.32 -19.08 -36.22
N LEU A 57 -11.23 -19.27 -35.47
CA LEU A 57 -11.29 -19.25 -33.99
C LEU A 57 -11.79 -17.89 -33.54
N SER A 58 -11.27 -16.82 -34.15
CA SER A 58 -11.70 -15.44 -33.81
C SER A 58 -13.19 -15.30 -34.05
N ASP A 59 -13.65 -15.81 -35.20
CA ASP A 59 -15.09 -15.73 -35.56
C ASP A 59 -15.90 -16.48 -34.51
N GLU A 60 -15.42 -17.66 -34.13
CA GLU A 60 -16.10 -18.49 -33.11
C GLU A 60 -16.20 -17.70 -31.82
N LEU A 61 -15.12 -17.03 -31.43
CA LEU A 61 -15.10 -16.22 -30.19
C LEU A 61 -16.17 -15.14 -30.27
N ARG A 62 -16.23 -14.46 -31.41
CA ARG A 62 -17.24 -13.40 -31.62
C ARG A 62 -18.63 -13.99 -31.47
N SER A 63 -18.86 -15.13 -32.11
CA SER A 63 -20.16 -15.83 -32.06
C SER A 63 -20.49 -16.14 -30.60
N ASP A 64 -19.49 -16.63 -29.85
CA ASP A 64 -19.67 -16.99 -28.44
C ASP A 64 -20.11 -15.74 -27.67
N VAL A 65 -19.48 -14.62 -27.96
CA VAL A 65 -19.83 -13.32 -27.29
C VAL A 65 -21.30 -13.02 -27.59
N ILE A 66 -21.67 -13.18 -28.85
CA ILE A 66 -23.08 -12.93 -29.26
C ILE A 66 -24.02 -13.84 -28.47
N PHE A 67 -23.67 -15.11 -28.36
CA PHE A 67 -24.51 -16.11 -27.67
C PHE A 67 -24.63 -15.71 -26.20
N ASN A 68 -23.51 -15.29 -25.61
CA ASN A 68 -23.49 -14.87 -24.18
C ASN A 68 -24.47 -13.72 -24.01
N VAL A 69 -24.45 -12.79 -24.96
CA VAL A 69 -25.36 -11.61 -24.90
C VAL A 69 -26.82 -12.06 -25.02
N SER A 70 -27.16 -12.76 -26.10
CA SER A 70 -28.58 -13.13 -26.40
C SER A 70 -29.35 -13.48 -25.14
N LYS A 71 -29.01 -14.61 -24.52
CA LYS A 71 -29.66 -14.97 -23.24
C LYS A 71 -28.82 -14.42 -22.09
N THR A 72 -29.41 -13.63 -21.19
CA THR A 72 -28.72 -13.15 -19.95
C THR A 72 -27.78 -11.98 -20.22
N LEU A 76 -14.78 -6.44 -22.57
CA LEU A 76 -14.65 -6.70 -23.97
C LEU A 76 -13.31 -6.25 -24.45
N GLY A 77 -12.97 -4.99 -24.19
CA GLY A 77 -12.07 -4.26 -25.06
C GLY A 77 -10.68 -4.79 -25.00
N SER A 78 -10.10 -4.95 -23.81
CA SER A 78 -8.77 -5.55 -23.80
C SER A 78 -8.86 -7.03 -24.15
N SER A 79 -9.92 -7.74 -23.78
CA SER A 79 -9.95 -9.17 -24.07
C SER A 79 -9.85 -9.42 -25.55
N LEU A 80 -10.55 -8.59 -26.31
CA LEU A 80 -10.46 -8.51 -27.78
C LEU A 80 -9.12 -8.04 -28.24
N GLY A 81 -8.60 -7.02 -27.53
CA GLY A 81 -7.32 -6.43 -27.84
C GLY A 81 -6.19 -7.45 -27.55
N VAL A 82 -6.46 -8.51 -26.80
CA VAL A 82 -5.41 -9.36 -26.31
C VAL A 82 -5.59 -10.75 -26.84
N VAL A 83 -6.68 -10.98 -27.62
CA VAL A 83 -6.91 -12.28 -28.27
C VAL A 83 -5.68 -12.84 -28.84
N GLU A 84 -5.05 -12.09 -29.73
CA GLU A 84 -4.00 -12.62 -30.53
C GLU A 84 -2.84 -12.91 -29.64
N LEU A 85 -2.49 -12.04 -28.71
CA LEU A 85 -1.38 -12.34 -27.85
C LEU A 85 -1.64 -13.53 -27.02
N THR A 86 -2.83 -13.68 -26.44
CA THR A 86 -3.23 -14.84 -25.67
C THR A 86 -3.13 -16.07 -26.51
N VAL A 87 -3.63 -16.03 -27.75
CA VAL A 87 -3.67 -17.14 -28.65
C VAL A 87 -2.23 -17.58 -28.85
N ALA A 88 -1.39 -16.61 -29.17
CA ALA A 88 0.00 -16.83 -29.50
C ALA A 88 0.69 -17.42 -28.30
N LEU A 89 0.43 -16.89 -27.13
CA LEU A 89 1.07 -17.32 -25.89
C LEU A 89 0.61 -18.69 -25.55
N HIS A 90 -0.63 -19.01 -25.74
CA HIS A 90 -1.05 -20.39 -25.46
C HIS A 90 -0.67 -21.32 -26.57
N TYR A 91 -0.42 -20.80 -27.74
CA TYR A 91 -0.01 -21.60 -28.86
C TYR A 91 1.46 -21.96 -28.72
N ILE A 92 2.22 -21.02 -28.22
CA ILE A 92 3.64 -21.21 -28.07
C ILE A 92 3.99 -21.86 -26.77
N PHE A 93 3.25 -21.53 -25.72
CA PHE A 93 3.59 -21.89 -24.34
C PHE A 93 2.61 -22.94 -23.88
N ASN A 94 3.18 -23.81 -23.06
CA ASN A 94 2.62 -25.03 -22.66
C ASN A 94 2.11 -24.84 -21.25
N THR A 95 1.26 -23.83 -21.09
CA THR A 95 0.47 -23.69 -19.89
C THR A 95 -0.31 -24.96 -19.61
N PRO A 96 -0.58 -25.25 -18.33
CA PRO A 96 -0.18 -24.48 -17.19
C PRO A 96 1.27 -24.76 -16.76
N GLN A 97 2.04 -25.61 -17.47
CA GLN A 97 3.41 -25.93 -17.16
C GLN A 97 4.18 -24.65 -17.26
N ASP A 98 4.13 -24.03 -18.43
CA ASP A 98 4.54 -22.66 -18.60
C ASP A 98 3.51 -21.78 -17.92
N LYS A 99 3.92 -20.58 -17.56
CA LYS A 99 3.10 -19.67 -16.77
C LYS A 99 2.83 -18.43 -17.58
N ILE A 100 1.57 -18.30 -18.01
CA ILE A 100 1.07 -17.09 -18.62
C ILE A 100 0.30 -16.37 -17.53
N LEU A 101 0.85 -15.22 -17.19
CA LEU A 101 0.32 -14.33 -16.21
C LEU A 101 -0.34 -13.19 -16.96
N TRP A 102 -1.40 -12.71 -16.38
CA TRP A 102 -2.15 -11.63 -16.93
C TRP A 102 -2.33 -10.55 -15.92
N ASP A 103 -1.62 -9.45 -16.19
CA ASP A 103 -1.73 -8.29 -15.41
C ASP A 103 -3.14 -7.77 -15.44
N VAL A 104 -3.73 -7.63 -14.25
CA VAL A 104 -5.14 -7.27 -14.05
C VAL A 104 -5.99 -8.52 -14.36
N GLY A 105 -5.69 -9.29 -15.43
CA GLY A 105 -6.36 -10.55 -15.72
C GLY A 105 -7.68 -10.46 -16.49
N HIS A 106 -8.11 -9.23 -16.70
CA HIS A 106 -9.32 -8.77 -17.34
C HIS A 106 -9.31 -8.99 -18.84
N GLN A 107 -8.12 -8.93 -19.44
CA GLN A 107 -7.87 -9.03 -20.86
C GLN A 107 -7.74 -10.49 -21.26
N SER A 108 -7.83 -11.37 -20.28
CA SER A 108 -7.50 -12.78 -20.40
C SER A 108 -8.78 -13.54 -20.73
N TYR A 109 -9.85 -12.91 -21.26
CA TYR A 109 -11.06 -13.70 -21.57
C TYR A 109 -10.73 -14.74 -22.59
N PRO A 110 -10.04 -14.43 -23.70
CA PRO A 110 -9.54 -15.43 -24.58
C PRO A 110 -8.69 -16.45 -23.86
N HIS A 111 -7.94 -16.07 -22.82
CA HIS A 111 -7.04 -16.98 -22.17
C HIS A 111 -7.85 -18.00 -21.48
N LYS A 112 -8.88 -17.56 -20.75
CA LYS A 112 -9.80 -18.40 -20.01
C LYS A 112 -10.53 -19.27 -20.98
N ILE A 113 -11.00 -18.68 -22.08
CA ILE A 113 -11.72 -19.36 -23.11
C ILE A 113 -10.89 -20.52 -23.64
N LEU A 114 -9.62 -20.21 -23.89
CA LEU A 114 -8.68 -21.12 -24.44
C LEU A 114 -8.11 -22.05 -23.41
N THR A 115 -8.48 -21.89 -22.13
CA THR A 115 -8.09 -22.76 -21.01
C THR A 115 -9.30 -23.28 -20.31
N GLY A 116 -10.25 -23.70 -21.13
CA GLY A 116 -11.32 -24.58 -20.73
C GLY A 116 -12.52 -23.90 -20.08
N ARG A 117 -12.49 -22.55 -20.03
CA ARG A 117 -13.49 -21.77 -19.30
C ARG A 117 -14.33 -20.99 -20.28
N ARG A 118 -14.29 -21.39 -21.53
CA ARG A 118 -15.08 -20.78 -22.56
C ARG A 118 -16.56 -20.83 -22.24
N GLY A 119 -17.03 -21.99 -21.83
CA GLY A 119 -18.42 -22.21 -21.45
C GLY A 119 -18.73 -21.66 -20.06
N LYS A 120 -17.71 -21.07 -19.43
CA LYS A 120 -17.85 -20.40 -18.16
C LYS A 120 -17.68 -18.88 -18.28
N MET A 121 -17.32 -18.41 -19.46
CA MET A 121 -17.41 -17.00 -19.78
C MET A 121 -18.80 -16.45 -19.57
N PRO A 122 -19.88 -17.21 -19.89
CA PRO A 122 -21.23 -16.86 -19.57
C PRO A 122 -21.45 -16.47 -18.11
N THR A 123 -20.72 -17.15 -17.22
CA THR A 123 -20.85 -16.94 -15.79
C THR A 123 -19.68 -16.17 -15.22
N MET A 124 -18.81 -15.66 -16.10
CA MET A 124 -17.69 -14.85 -15.65
C MET A 124 -18.17 -13.56 -15.03
N ARG A 125 -17.53 -13.28 -13.91
CA ARG A 125 -17.88 -12.23 -12.93
C ARG A 125 -19.19 -12.45 -12.20
N GLN A 126 -19.94 -13.48 -12.57
CA GLN A 126 -21.20 -13.83 -11.95
C GLN A 126 -20.91 -14.61 -10.69
N THR A 127 -21.78 -14.38 -9.70
CA THR A 127 -21.76 -15.10 -8.47
C THR A 127 -21.69 -16.60 -8.72
N ASN A 128 -20.70 -17.20 -8.09
CA ASN A 128 -20.40 -18.63 -8.11
C ASN A 128 -19.75 -19.05 -9.41
N GLY A 129 -19.66 -18.15 -10.38
CA GLY A 129 -19.00 -18.37 -11.66
C GLY A 129 -17.51 -18.07 -11.55
N LEU A 130 -16.89 -17.90 -12.70
CA LEU A 130 -15.48 -17.59 -12.79
C LEU A 130 -15.26 -16.13 -12.54
N SER A 131 -14.03 -15.82 -12.18
CA SER A 131 -13.58 -14.45 -12.08
C SER A 131 -13.49 -13.88 -13.45
N GLY A 132 -13.75 -12.58 -13.49
CA GLY A 132 -13.47 -11.78 -14.66
C GLY A 132 -11.99 -11.44 -14.77
N PHE A 133 -11.16 -12.03 -13.90
CA PHE A 133 -9.72 -11.90 -14.00
C PHE A 133 -9.10 -13.20 -13.75
N THR A 134 -7.89 -13.38 -14.27
CA THR A 134 -7.13 -14.55 -13.86
C THR A 134 -7.03 -14.59 -12.38
N LYS A 135 -7.15 -15.81 -11.91
CA LYS A 135 -7.40 -16.21 -10.56
C LYS A 135 -6.81 -17.57 -10.47
N ARG A 136 -5.77 -17.65 -9.68
CA ARG A 136 -4.99 -18.87 -9.57
C ARG A 136 -5.80 -20.01 -9.02
N GLY A 137 -6.76 -19.68 -8.14
CA GLY A 137 -7.65 -20.65 -7.54
C GLY A 137 -8.78 -21.06 -8.49
N GLU A 138 -8.86 -20.38 -9.67
CA GLU A 138 -9.83 -20.69 -10.72
C GLU A 138 -9.25 -21.68 -11.72
N SER A 139 -7.97 -21.50 -12.05
CA SER A 139 -7.37 -22.24 -13.13
C SER A 139 -5.91 -22.40 -12.87
N GLU A 140 -5.42 -23.53 -13.33
CA GLU A 140 -4.02 -23.80 -13.44
C GLU A 140 -3.39 -22.87 -14.43
N HIS A 141 -4.17 -22.47 -15.42
CA HIS A 141 -3.75 -21.57 -16.44
C HIS A 141 -3.72 -20.14 -15.97
N ASP A 142 -4.47 -19.85 -14.89
CA ASP A 142 -4.30 -18.59 -14.25
C ASP A 142 -3.14 -18.74 -13.36
N CYS A 143 -2.02 -18.20 -13.81
CA CYS A 143 -0.78 -18.31 -13.05
C CYS A 143 -0.81 -17.39 -11.87
N PHE A 144 -1.56 -16.28 -11.97
CA PHE A 144 -1.71 -15.33 -10.91
C PHE A 144 -3.15 -14.92 -10.79
N GLY A 145 -3.50 -14.47 -9.59
CA GLY A 145 -4.78 -13.94 -9.25
C GLY A 145 -4.67 -12.43 -9.26
N THR A 146 -5.16 -11.86 -10.36
CA THR A 146 -5.09 -10.44 -10.64
C THR A 146 -6.45 -9.80 -10.65
N GLY A 147 -6.39 -8.47 -10.65
CA GLY A 147 -7.53 -7.57 -10.81
C GLY A 147 -7.05 -6.15 -10.54
N HIS A 148 -6.25 -6.04 -9.48
CA HIS A 148 -5.27 -4.99 -9.43
C HIS A 148 -4.25 -5.20 -10.51
N SER A 149 -3.75 -4.07 -10.95
CA SER A 149 -2.84 -4.01 -12.05
C SER A 149 -1.45 -4.06 -11.48
N SER A 150 -0.55 -4.49 -12.31
CA SER A 150 0.87 -4.18 -12.33
C SER A 150 1.64 -5.22 -11.55
N THR A 151 0.95 -6.31 -11.26
CA THR A 151 1.41 -7.35 -10.40
C THR A 151 2.04 -8.46 -11.18
N THR A 152 1.77 -8.54 -12.50
CA THR A 152 2.13 -9.66 -13.32
C THR A 152 3.62 -9.81 -13.44
N ILE A 153 4.33 -8.69 -13.38
CA ILE A 153 5.75 -8.65 -13.58
C ILE A 153 6.41 -9.20 -12.36
N SER A 154 5.98 -8.71 -11.22
CA SER A 154 6.50 -9.14 -9.97
C SER A 154 6.15 -10.57 -9.72
N ALA A 155 4.93 -10.94 -10.05
CA ALA A 155 4.46 -12.29 -9.94
C ALA A 155 5.31 -13.17 -10.85
N GLY A 156 5.44 -12.83 -12.13
CA GLY A 156 6.13 -13.69 -13.07
C GLY A 156 7.62 -13.69 -12.75
N LEU A 157 8.12 -12.63 -12.11
CA LEU A 157 9.47 -12.65 -11.63
C LEU A 157 9.60 -13.67 -10.54
N GLY A 158 8.64 -13.65 -9.62
CA GLY A 158 8.56 -14.61 -8.53
C GLY A 158 8.46 -15.96 -9.09
N MET A 159 7.69 -16.18 -10.17
CA MET A 159 7.55 -17.49 -10.73
C MET A 159 8.83 -17.95 -11.40
N ALA A 160 9.52 -16.98 -12.02
CA ALA A 160 10.74 -17.24 -12.76
C ALA A 160 11.83 -17.64 -11.82
N VAL A 161 11.93 -16.85 -10.74
CA VAL A 161 12.90 -17.11 -9.73
C VAL A 161 12.55 -18.45 -9.16
N GLY A 162 11.29 -18.62 -8.79
CA GLY A 162 10.87 -19.80 -8.05
C GLY A 162 11.13 -21.06 -8.86
N ARG A 163 11.01 -20.97 -10.20
CA ARG A 163 11.34 -22.03 -11.11
C ARG A 163 12.82 -22.32 -11.01
N ASP A 164 13.59 -21.24 -11.16
CA ASP A 164 15.04 -21.31 -11.25
C ASP A 164 15.61 -21.92 -10.00
N LEU A 165 15.02 -21.55 -8.86
CA LEU A 165 15.39 -21.99 -7.54
C LEU A 165 15.09 -23.45 -7.40
N LYS A 166 13.98 -23.90 -7.98
CA LYS A 166 13.57 -25.29 -7.99
C LYS A 166 14.24 -26.03 -9.14
N GLY A 167 15.12 -25.35 -9.86
CA GLY A 167 15.89 -25.92 -10.93
C GLY A 167 14.98 -26.32 -12.10
N LYS A 168 13.73 -25.86 -12.08
CA LYS A 168 12.74 -26.04 -13.09
C LYS A 168 13.08 -25.24 -14.30
N ASN A 169 12.35 -25.53 -15.35
CA ASN A 169 12.54 -24.91 -16.64
C ASN A 169 11.24 -25.00 -17.35
N ASN A 170 10.35 -24.12 -16.94
CA ASN A 170 9.15 -23.75 -17.68
C ASN A 170 9.19 -22.28 -17.98
N ASN A 171 8.52 -21.91 -19.03
CA ASN A 171 8.49 -20.52 -19.40
C ASN A 171 7.64 -19.78 -18.40
N VAL A 172 8.04 -18.55 -18.16
CA VAL A 172 7.22 -17.58 -17.53
C VAL A 172 7.04 -16.49 -18.55
N VAL A 173 5.79 -16.09 -18.67
CA VAL A 173 5.37 -14.94 -19.39
C VAL A 173 4.31 -14.28 -18.63
N ALA A 174 4.34 -12.98 -18.71
CA ALA A 174 3.34 -12.10 -18.22
C ALA A 174 2.89 -11.30 -19.40
N VAL A 175 1.62 -10.95 -19.37
CA VAL A 175 1.12 -9.94 -20.27
C VAL A 175 0.73 -8.86 -19.33
N ILE A 176 1.31 -7.73 -19.59
CA ILE A 176 1.03 -6.50 -18.92
C ILE A 176 0.62 -5.47 -19.95
N GLY A 177 -0.41 -4.71 -19.67
CA GLY A 177 -0.73 -3.53 -20.44
C GLY A 177 0.30 -2.45 -20.19
N ASP A 178 0.30 -1.48 -21.06
CA ASP A 178 1.05 -0.29 -20.79
C ASP A 178 0.46 0.43 -19.60
N GLY A 179 -0.85 0.32 -19.39
CA GLY A 179 -1.52 1.05 -18.32
C GLY A 179 -1.04 0.44 -17.02
N ALA A 180 -0.97 -0.90 -16.99
CA ALA A 180 -0.33 -1.58 -15.88
C ALA A 180 1.12 -1.22 -15.81
N MET A 181 1.77 -0.96 -16.93
CA MET A 181 3.19 -0.65 -16.99
C MET A 181 3.43 0.67 -16.29
N THR A 182 2.46 1.62 -16.30
CA THR A 182 2.67 2.95 -15.70
C THR A 182 2.84 2.85 -14.20
N ALA A 183 2.37 1.77 -13.60
CA ALA A 183 2.46 1.53 -12.19
C ALA A 183 3.90 1.32 -11.81
N GLY A 184 4.10 1.70 -10.57
CA GLY A 184 5.36 1.62 -9.92
C GLY A 184 5.73 0.19 -9.73
N GLN A 185 4.76 -0.63 -9.28
CA GLN A 185 5.01 -2.01 -9.03
C GLN A 185 5.41 -2.75 -10.27
N ALA A 186 4.85 -2.36 -11.40
CA ALA A 186 5.30 -2.89 -12.68
C ALA A 186 6.74 -2.49 -12.80
N TYR A 187 7.04 -1.19 -12.72
CA TYR A 187 8.31 -0.64 -13.08
C TYR A 187 9.44 -1.15 -12.23
N GLU A 188 9.26 -1.22 -10.91
CA GLU A 188 10.23 -1.69 -9.98
C GLU A 188 10.41 -3.15 -10.20
N ALA A 189 9.33 -3.87 -10.56
CA ALA A 189 9.42 -5.28 -10.74
C ALA A 189 10.26 -5.56 -11.98
N MET A 190 10.09 -4.74 -13.00
CA MET A 190 10.89 -4.85 -14.17
C MET A 190 12.33 -4.49 -13.87
N ASN A 191 12.52 -3.48 -13.03
CA ASN A 191 13.84 -3.07 -12.60
C ASN A 191 14.52 -4.27 -11.97
N ASN A 192 13.83 -4.96 -11.11
CA ASN A 192 14.36 -6.15 -10.44
C ASN A 192 14.41 -7.31 -11.37
N ALA A 193 13.50 -7.41 -12.32
CA ALA A 193 13.43 -8.53 -13.24
C ALA A 193 14.70 -8.50 -14.05
N GLY A 194 15.11 -7.31 -14.44
CA GLY A 194 16.26 -7.04 -15.25
C GLY A 194 17.52 -6.99 -14.42
N TYR A 195 17.38 -6.98 -13.10
CA TYR A 195 18.45 -7.12 -12.18
C TYR A 195 18.80 -8.56 -11.91
N LEU A 196 17.77 -9.40 -11.85
CA LEU A 196 17.91 -10.81 -11.59
C LEU A 196 18.15 -11.59 -12.83
N ASP A 197 17.74 -11.03 -13.95
CA ASP A 197 17.93 -11.55 -15.28
C ASP A 197 17.48 -12.99 -15.43
N SER A 198 16.37 -13.31 -14.76
CA SER A 198 15.75 -14.64 -14.92
C SER A 198 15.01 -14.73 -16.22
N ASP A 199 14.85 -15.96 -16.69
CA ASP A 199 14.07 -16.21 -17.89
C ASP A 199 12.64 -15.88 -17.53
N MET A 200 12.10 -14.92 -18.29
CA MET A 200 10.73 -14.55 -18.12
C MET A 200 10.44 -13.52 -19.11
N ILE A 201 9.15 -13.41 -19.34
CA ILE A 201 8.67 -12.76 -20.51
C ILE A 201 7.63 -11.83 -19.99
N VAL A 202 7.69 -10.66 -20.54
CA VAL A 202 6.71 -9.66 -20.32
C VAL A 202 6.29 -9.38 -21.73
N ILE A 203 4.98 -9.39 -21.92
CA ILE A 203 4.43 -8.92 -23.12
C ILE A 203 3.82 -7.61 -22.70
N LEU A 204 4.47 -6.56 -23.13
CA LEU A 204 3.90 -5.26 -23.05
C LEU A 204 2.84 -5.19 -24.09
N ASN A 205 1.63 -5.09 -23.60
CA ASN A 205 0.43 -4.96 -24.34
C ASN A 205 0.04 -3.49 -24.42
N ASP A 206 -0.87 -3.22 -25.34
CA ASP A 206 -1.63 -1.96 -25.44
C ASP A 206 -0.81 -0.88 -26.07
N ASN A 207 -0.70 -0.94 -27.41
CA ASN A 207 -0.05 0.04 -28.22
C ASN A 207 -0.56 1.44 -28.16
N LYS A 208 -1.88 1.55 -28.18
CA LYS A 208 -2.63 2.78 -28.08
C LYS A 208 -2.37 3.41 -26.74
N GLN A 209 -1.80 2.59 -25.86
CA GLN A 209 -1.37 2.85 -24.54
C GLN A 209 -2.59 3.02 -23.64
N VAL A 210 -3.80 2.81 -24.19
CA VAL A 210 -5.06 3.01 -23.48
C VAL A 210 -5.06 2.21 -22.21
N SER A 211 -5.59 2.82 -21.16
CA SER A 211 -5.62 2.23 -19.84
C SER A 211 -6.20 0.82 -19.99
N LEU A 212 -5.67 -0.13 -19.20
CA LEU A 212 -6.24 -1.48 -19.12
C LEU A 212 -7.60 -1.44 -18.52
N PRO A 213 -8.49 -2.30 -19.00
CA PRO A 213 -9.85 -2.27 -18.59
C PRO A 213 -10.07 -2.85 -17.21
N THR A 214 -10.25 -1.96 -16.24
CA THR A 214 -10.48 -2.34 -14.87
C THR A 214 -11.95 -2.64 -14.74
N ALA A 215 -12.30 -3.73 -14.10
CA ALA A 215 -13.71 -4.18 -14.12
C ALA A 215 -14.58 -3.25 -13.33
N THR A 216 -13.98 -2.59 -12.34
CA THR A 216 -14.73 -1.64 -11.48
C THR A 216 -14.57 -0.20 -12.00
N LEU A 217 -13.50 0.10 -12.74
CA LEU A 217 -13.35 1.46 -13.34
C LEU A 217 -14.16 1.54 -14.64
N ASP A 218 -14.30 2.74 -15.22
CA ASP A 218 -15.17 2.90 -16.42
C ASP A 218 -14.41 3.49 -17.60
N GLY A 219 -14.74 4.73 -18.00
CA GLY A 219 -14.13 5.36 -19.19
C GLY A 219 -12.71 5.79 -18.94
N PRO A 220 -11.77 4.86 -18.64
CA PRO A 220 -10.38 5.22 -18.47
C PRO A 220 -9.71 5.44 -19.83
N SER A 221 -9.76 6.67 -20.35
CA SER A 221 -9.12 6.99 -21.66
C SER A 221 -8.33 8.29 -21.54
N PRO A 222 -8.65 9.15 -20.56
CA PRO A 222 -7.86 10.37 -20.35
C PRO A 222 -6.64 10.08 -19.47
N PRO A 223 -6.40 8.81 -19.10
CA PRO A 223 -5.20 8.48 -18.34
C PRO A 223 -3.94 8.74 -19.16
N VAL A 224 -2.91 9.31 -18.53
CA VAL A 224 -1.61 9.56 -19.22
C VAL A 224 -0.70 8.35 -18.98
N GLY A 225 -1.28 7.21 -18.63
CA GLY A 225 -0.49 5.99 -18.36
C GLY A 225 0.09 5.40 -19.64
N ALA A 226 1.32 5.77 -19.99
CA ALA A 226 1.92 5.31 -21.26
C ALA A 226 3.41 5.01 -21.05
N LEU A 227 3.77 4.42 -19.91
CA LEU A 227 5.19 4.05 -19.65
C LEU A 227 5.60 2.96 -20.65
N SER A 228 4.74 1.97 -20.88
CA SER A 228 5.04 0.87 -21.84
C SER A 228 6.46 0.35 -21.64
N LEU A 280 13.41 2.63 -23.31
CA LEU A 280 12.12 2.35 -22.80
C LEU A 280 12.30 1.52 -21.57
N PHE A 281 13.17 0.50 -21.67
CA PHE A 281 13.55 -0.44 -20.64
C PHE A 281 15.05 -0.71 -20.72
N GLU A 282 15.79 0.22 -21.34
CA GLU A 282 17.21 0.04 -21.57
C GLU A 282 17.93 -0.04 -20.26
N GLU A 283 17.51 0.87 -19.38
CA GLU A 283 18.02 0.96 -18.04
C GLU A 283 17.52 -0.17 -17.17
N LEU A 284 16.43 -0.80 -17.58
CA LEU A 284 15.99 -2.01 -16.93
C LEU A 284 16.81 -3.21 -17.37
N GLY A 285 17.66 -3.04 -18.38
CA GLY A 285 18.57 -4.10 -18.80
C GLY A 285 17.80 -5.30 -19.37
N LEU A 286 16.52 -5.14 -19.60
CA LEU A 286 15.65 -6.19 -20.09
C LEU A 286 15.76 -6.21 -21.57
N TYR A 287 15.78 -7.44 -22.09
CA TYR A 287 15.57 -7.65 -23.48
C TYR A 287 14.29 -6.99 -23.83
N TYR A 288 14.32 -6.28 -24.94
CA TYR A 288 13.20 -5.57 -25.46
C TYR A 288 13.09 -5.90 -26.90
N ILE A 289 11.86 -6.18 -27.29
CA ILE A 289 11.48 -6.70 -28.57
C ILE A 289 10.19 -6.03 -28.84
N GLY A 290 10.04 -5.74 -30.12
CA GLY A 290 8.95 -4.96 -30.59
C GLY A 290 9.30 -3.49 -30.49
N PRO A 291 8.29 -2.67 -30.76
CA PRO A 291 6.92 -3.06 -30.86
C PRO A 291 6.64 -3.92 -32.08
N VAL A 292 5.75 -4.89 -31.96
CA VAL A 292 5.27 -5.82 -32.97
C VAL A 292 3.80 -5.70 -33.05
N ASP A 293 3.21 -6.12 -34.16
CA ASP A 293 1.76 -6.19 -34.22
C ASP A 293 1.34 -7.22 -33.21
N GLY A 294 0.63 -6.68 -32.21
CA GLY A 294 -0.04 -7.42 -31.19
C GLY A 294 -1.31 -8.08 -31.67
N HIS A 295 -1.61 -7.98 -32.98
CA HIS A 295 -2.67 -8.68 -33.58
C HIS A 295 -2.23 -9.57 -34.69
N ASN A 296 -0.97 -9.48 -35.12
CA ASN A 296 -0.45 -10.42 -36.12
C ASN A 296 -0.05 -11.65 -35.34
N ILE A 297 -1.00 -12.56 -35.24
CA ILE A 297 -0.92 -13.68 -34.32
C ILE A 297 0.18 -14.59 -34.68
N ASP A 298 0.32 -14.87 -35.95
CA ASP A 298 1.33 -15.76 -36.42
C ASP A 298 2.70 -15.15 -36.17
N ASP A 299 2.82 -13.83 -36.34
CA ASP A 299 4.03 -13.13 -35.96
C ASP A 299 4.24 -13.16 -34.48
N LEU A 300 3.17 -13.05 -33.67
CA LEU A 300 3.27 -13.12 -32.23
C LEU A 300 3.75 -14.48 -31.87
N VAL A 301 3.19 -15.52 -32.46
CA VAL A 301 3.60 -16.89 -32.27
C VAL A 301 5.04 -16.99 -32.62
N ALA A 302 5.46 -16.41 -33.74
CA ALA A 302 6.81 -16.53 -34.22
C ALA A 302 7.76 -15.88 -33.23
N ILE A 303 7.44 -14.66 -32.79
CA ILE A 303 8.19 -13.91 -31.84
C ILE A 303 8.27 -14.69 -30.56
N LEU A 304 7.12 -15.23 -30.16
CA LEU A 304 6.99 -15.89 -28.90
C LEU A 304 7.83 -17.15 -28.89
N LYS A 305 7.89 -17.84 -30.02
CA LYS A 305 8.66 -19.06 -30.10
C LYS A 305 10.12 -18.75 -29.88
N GLU A 306 10.55 -17.66 -30.49
CA GLU A 306 11.96 -17.23 -30.58
C GLU A 306 12.43 -16.40 -29.44
N VAL A 307 11.58 -16.24 -28.40
CA VAL A 307 11.93 -15.46 -27.22
C VAL A 307 11.62 -16.22 -25.99
N LYS A 308 10.56 -17.01 -26.01
CA LYS A 308 10.06 -17.68 -24.86
C LYS A 308 10.34 -19.13 -24.98
N SER A 309 11.32 -19.48 -25.81
CA SER A 309 12.04 -20.73 -25.65
C SER A 309 12.89 -20.67 -24.41
N THR A 310 13.15 -21.86 -23.89
CA THR A 310 14.07 -22.11 -22.81
C THR A 310 15.47 -21.83 -23.17
N ARG A 311 15.70 -21.61 -24.46
CA ARG A 311 16.95 -21.21 -25.03
C ARG A 311 17.20 -19.73 -24.74
N THR A 312 16.13 -18.98 -24.58
CA THR A 312 16.23 -17.58 -24.18
C THR A 312 16.59 -17.58 -22.73
N THR A 313 17.65 -16.80 -22.51
CA THR A 313 18.06 -16.43 -21.19
C THR A 313 17.54 -15.04 -20.91
N GLY A 314 17.13 -14.88 -19.65
CA GLY A 314 16.81 -13.59 -19.09
C GLY A 314 15.49 -13.03 -19.61
N PRO A 315 15.14 -11.87 -19.02
CA PRO A 315 13.85 -11.32 -19.09
C PRO A 315 13.64 -10.54 -20.36
N VAL A 316 12.52 -10.73 -21.04
CA VAL A 316 12.25 -10.14 -22.32
C VAL A 316 10.94 -9.45 -22.29
N LEU A 317 10.92 -8.27 -22.87
CA LEU A 317 9.76 -7.47 -23.06
C LEU A 317 9.42 -7.54 -24.51
N ILE A 318 8.21 -7.91 -24.74
CA ILE A 318 7.65 -7.99 -26.05
C ILE A 318 6.59 -6.94 -26.05
N HIS A 319 6.93 -5.80 -26.61
CA HIS A 319 5.97 -4.77 -26.86
C HIS A 319 5.22 -5.29 -28.03
N VAL A 320 3.97 -5.65 -27.79
CA VAL A 320 2.98 -5.84 -28.80
C VAL A 320 2.10 -4.63 -28.94
N VAL A 321 1.37 -4.61 -30.03
CA VAL A 321 0.64 -3.44 -30.45
C VAL A 321 -0.76 -3.88 -30.75
N THR A 322 -1.61 -3.56 -29.75
CA THR A 322 -2.92 -4.13 -29.60
C THR A 322 -3.99 -3.11 -29.44
N GLU A 323 -4.71 -2.93 -30.55
CA GLU A 323 -5.95 -2.21 -30.51
C GLU A 323 -6.83 -2.79 -29.45
N LYS A 324 -7.15 -1.92 -28.50
CA LYS A 324 -8.20 -2.26 -27.55
C LYS A 324 -9.51 -2.23 -28.29
N GLY A 325 -10.25 -3.30 -28.03
CA GLY A 325 -11.52 -3.64 -28.67
C GLY A 325 -11.31 -4.41 -29.96
N ARG A 326 -10.07 -4.80 -30.32
CA ARG A 326 -9.70 -5.30 -31.62
C ARG A 326 -10.71 -6.31 -32.11
N GLY A 327 -11.12 -6.08 -33.35
CA GLY A 327 -12.00 -6.97 -34.06
C GLY A 327 -13.48 -6.85 -33.60
N TYR A 328 -13.76 -5.81 -32.78
CA TYR A 328 -15.11 -5.37 -32.53
C TYR A 328 -15.10 -3.92 -32.83
N PRO A 329 -15.61 -3.51 -33.98
CA PRO A 329 -15.43 -2.17 -34.48
C PRO A 329 -15.79 -1.13 -33.47
N TYR A 330 -16.91 -1.31 -32.82
CA TYR A 330 -17.38 -0.35 -31.84
C TYR A 330 -16.43 -0.26 -30.69
N ALA A 331 -15.91 -1.41 -30.24
CA ALA A 331 -14.92 -1.42 -29.21
C ALA A 331 -13.60 -0.81 -29.63
N GLU A 332 -13.23 -1.01 -30.88
CA GLU A 332 -12.04 -0.42 -31.46
C GLU A 332 -12.22 1.09 -31.56
N ARG A 333 -13.45 1.53 -31.82
CA ARG A 333 -13.82 2.93 -31.98
C ARG A 333 -13.98 3.61 -30.66
N ALA A 334 -14.25 2.86 -29.59
CA ALA A 334 -14.63 3.42 -28.30
C ALA A 334 -14.19 2.48 -27.19
N ASP A 335 -12.89 2.21 -27.23
CA ASP A 335 -12.30 1.33 -26.25
C ASP A 335 -12.50 1.85 -24.83
N ASP A 336 -12.89 3.12 -24.67
CA ASP A 336 -13.19 3.65 -23.36
C ASP A 336 -14.45 3.01 -22.86
N LYS A 337 -15.46 3.03 -23.72
CA LYS A 337 -16.75 2.45 -23.34
C LYS A 337 -16.68 0.94 -23.34
N TYR A 338 -16.06 0.36 -24.36
CA TYR A 338 -16.03 -1.07 -24.58
C TYR A 338 -14.90 -1.72 -23.83
N HIS A 339 -14.16 -0.93 -23.06
CA HIS A 339 -13.49 -1.39 -21.87
C HIS A 339 -14.27 -2.45 -21.18
N GLY A 340 -15.49 -2.05 -20.84
CA GLY A 340 -16.34 -2.70 -19.90
C GLY A 340 -17.75 -2.49 -20.34
N VAL A 341 -18.01 -2.74 -21.62
CA VAL A 341 -19.30 -2.48 -22.24
C VAL A 341 -20.36 -3.17 -21.42
N VAL A 342 -21.46 -2.46 -21.33
CA VAL A 342 -22.70 -2.94 -20.80
C VAL A 342 -23.26 -4.04 -21.69
N LYS A 343 -24.55 -4.32 -21.59
CA LYS A 343 -25.14 -5.27 -22.50
C LYS A 343 -25.10 -4.64 -23.85
N PHE A 344 -24.74 -5.38 -24.91
CA PHE A 344 -24.75 -4.86 -26.24
C PHE A 344 -25.10 -5.96 -27.19
N ASP A 345 -25.49 -5.50 -28.37
CA ASP A 345 -25.76 -6.29 -29.52
C ASP A 345 -24.46 -6.33 -30.29
N PRO A 346 -23.82 -7.52 -30.42
CA PRO A 346 -22.68 -7.71 -31.26
C PRO A 346 -22.93 -7.27 -32.69
N ALA A 347 -24.17 -7.37 -33.14
CA ALA A 347 -24.50 -7.14 -34.54
C ALA A 347 -24.48 -5.65 -34.82
N THR A 348 -24.75 -4.81 -33.81
CA THR A 348 -25.01 -3.40 -34.07
C THR A 348 -24.17 -2.48 -33.18
N GLY A 349 -23.44 -3.05 -32.18
CA GLY A 349 -22.76 -2.28 -31.17
C GLY A 349 -23.73 -1.63 -30.18
N ARG A 350 -25.04 -1.71 -30.44
CA ARG A 350 -26.02 -0.99 -29.65
C ARG A 350 -26.00 -1.58 -28.25
N GLN A 351 -25.84 -0.72 -27.27
CA GLN A 351 -25.65 -1.12 -25.88
C GLN A 351 -26.52 -0.34 -24.94
N PHE A 352 -26.66 -0.96 -23.76
CA PHE A 352 -27.48 -0.46 -22.68
C PHE A 352 -26.60 0.46 -21.88
N LYS A 353 -26.47 1.66 -22.40
CA LYS A 353 -25.87 2.80 -21.77
C LYS A 353 -26.53 3.12 -20.44
N THR A 354 -27.65 2.47 -20.22
CA THR A 354 -28.60 2.51 -19.13
C THR A 354 -27.93 2.36 -17.79
N THR A 355 -27.03 1.40 -17.70
CA THR A 355 -26.30 1.10 -16.49
C THR A 355 -25.46 2.28 -16.11
N ASN A 356 -24.88 2.89 -17.14
CA ASN A 356 -23.97 4.02 -16.99
C ASN A 356 -24.74 5.29 -16.93
N LYS A 357 -25.99 5.23 -17.40
CA LYS A 357 -26.94 6.31 -17.41
C LYS A 357 -27.54 6.48 -16.04
N THR A 358 -27.43 5.48 -15.17
CA THR A 358 -27.65 5.67 -13.76
C THR A 358 -26.72 6.77 -13.28
N GLN A 359 -27.21 7.41 -12.23
CA GLN A 359 -26.43 8.33 -11.48
C GLN A 359 -25.67 7.52 -10.46
N SER A 360 -24.37 7.48 -10.65
CA SER A 360 -23.46 6.75 -9.79
C SER A 360 -22.91 7.63 -8.73
N TYR A 361 -22.30 6.98 -7.78
CA TYR A 361 -21.46 7.64 -6.83
C TYR A 361 -20.25 8.27 -7.43
N THR A 362 -19.83 7.72 -8.54
CA THR A 362 -18.76 8.31 -9.33
C THR A 362 -19.22 9.65 -9.83
N THR A 363 -20.44 9.67 -10.36
CA THR A 363 -21.01 10.84 -10.99
C THR A 363 -21.19 11.85 -9.91
N TYR A 364 -21.62 11.45 -8.71
CA TYR A 364 -21.85 12.36 -7.61
C TYR A 364 -20.60 12.97 -7.09
N PHE A 365 -19.60 12.14 -6.95
CA PHE A 365 -18.31 12.62 -6.53
C PHE A 365 -17.77 13.55 -7.60
N ALA A 366 -17.93 13.15 -8.86
CA ALA A 366 -17.42 13.86 -10.00
C ALA A 366 -18.10 15.22 -10.10
N GLU A 367 -19.40 15.17 -9.89
CA GLU A 367 -20.26 16.33 -10.03
C GLU A 367 -20.00 17.26 -8.88
N ALA A 368 -19.83 16.68 -7.72
CA ALA A 368 -19.55 17.42 -6.51
C ALA A 368 -18.22 18.09 -6.66
N LEU A 369 -17.26 17.37 -7.26
CA LEU A 369 -15.89 17.80 -7.25
C LEU A 369 -15.70 18.80 -8.38
N VAL A 370 -16.32 18.57 -9.51
CA VAL A 370 -16.27 19.51 -10.59
C VAL A 370 -16.99 20.77 -10.18
N ALA A 371 -18.00 20.60 -9.35
CA ALA A 371 -18.66 21.74 -8.76
C ALA A 371 -17.75 22.43 -7.76
N GLU A 372 -16.98 21.65 -6.98
CA GLU A 372 -16.20 22.19 -5.88
C GLU A 372 -15.02 22.97 -6.43
N ALA A 373 -14.39 22.45 -7.46
CA ALA A 373 -13.17 22.98 -8.00
C ALA A 373 -13.37 24.27 -8.72
N GLU A 374 -14.64 24.53 -9.09
CA GLU A 374 -15.04 25.78 -9.69
C GLU A 374 -14.79 26.92 -8.73
N VAL A 375 -15.17 26.66 -7.50
CA VAL A 375 -15.15 27.62 -6.45
C VAL A 375 -13.92 27.42 -5.55
N ASP A 376 -13.07 26.44 -5.90
CA ASP A 376 -11.87 26.16 -5.16
C ASP A 376 -10.76 25.81 -6.11
N LYS A 377 -9.85 26.76 -6.24
CA LYS A 377 -8.65 26.64 -7.07
C LYS A 377 -7.54 25.83 -6.41
N ASP A 378 -7.65 25.56 -5.11
CA ASP A 378 -6.75 24.61 -4.48
C ASP A 378 -7.13 23.20 -4.80
N VAL A 379 -8.40 22.98 -5.07
CA VAL A 379 -8.87 21.68 -5.51
C VAL A 379 -8.16 21.28 -6.75
N VAL A 380 -7.67 20.08 -6.68
CA VAL A 380 -7.00 19.37 -7.72
C VAL A 380 -7.49 17.95 -7.49
N ALA A 381 -8.11 17.38 -8.50
CA ALA A 381 -8.43 15.98 -8.51
C ALA A 381 -7.28 15.21 -9.16
N ILE A 382 -7.05 14.03 -8.62
CA ILE A 382 -6.08 13.07 -8.98
C ILE A 382 -6.78 11.76 -9.03
N HIS A 383 -6.45 10.96 -10.04
CA HIS A 383 -6.88 9.59 -10.10
C HIS A 383 -5.81 8.76 -10.71
N ALA A 384 -5.84 7.48 -10.42
CA ALA A 384 -4.83 6.55 -10.85
C ALA A 384 -5.44 5.70 -11.94
N ALA A 385 -5.62 6.36 -13.11
CA ALA A 385 -6.14 5.78 -14.32
C ALA A 385 -7.62 5.42 -14.24
N MET A 386 -8.34 5.92 -13.23
CA MET A 386 -9.74 5.60 -12.98
C MET A 386 -10.65 6.72 -13.31
N GLY A 387 -10.20 7.70 -14.10
CA GLY A 387 -10.95 8.92 -14.35
C GLY A 387 -12.40 8.65 -14.80
N GLY A 388 -12.67 7.55 -15.50
CA GLY A 388 -14.01 7.29 -15.99
C GLY A 388 -14.96 6.86 -14.88
N GLY A 389 -14.44 6.13 -13.91
CA GLY A 389 -15.21 5.42 -12.92
C GLY A 389 -15.00 5.97 -11.52
N THR A 390 -14.12 6.92 -11.38
CA THR A 390 -14.24 7.97 -10.42
C THR A 390 -15.10 9.08 -11.00
N GLY A 391 -15.55 8.98 -12.26
CA GLY A 391 -16.51 9.90 -12.84
C GLY A 391 -15.88 11.18 -13.36
N LEU A 392 -14.58 11.37 -13.11
CA LEU A 392 -13.78 12.55 -13.37
C LEU A 392 -13.56 12.86 -14.83
N ASN A 393 -14.23 12.22 -15.76
CA ASN A 393 -14.07 12.57 -17.17
C ASN A 393 -14.51 13.98 -17.43
N LEU A 394 -15.65 14.37 -16.83
CA LEU A 394 -16.17 15.72 -16.83
C LEU A 394 -15.30 16.65 -16.04
N PHE A 395 -14.69 16.13 -14.98
CA PHE A 395 -13.83 16.93 -14.15
C PHE A 395 -12.56 17.25 -14.87
N GLN A 396 -12.04 16.29 -15.59
CA GLN A 396 -10.85 16.43 -16.40
C GLN A 396 -11.15 17.37 -17.53
N ARG A 397 -12.38 17.36 -18.02
CA ARG A 397 -12.81 18.18 -19.10
C ARG A 397 -12.90 19.60 -18.60
N ARG A 398 -13.45 19.80 -17.41
CA ARG A 398 -13.76 21.13 -16.90
C ARG A 398 -12.56 21.75 -16.23
N PHE A 399 -11.82 20.90 -15.52
CA PHE A 399 -10.67 21.26 -14.75
C PHE A 399 -9.54 20.37 -15.18
N PRO A 400 -9.12 20.51 -16.45
CA PRO A 400 -7.94 19.80 -16.91
C PRO A 400 -6.71 20.29 -16.18
N THR A 401 -6.74 21.55 -15.76
CA THR A 401 -5.65 22.18 -15.05
C THR A 401 -5.60 21.75 -13.59
N ARG A 402 -6.51 20.85 -13.17
CA ARG A 402 -6.59 20.36 -11.83
C ARG A 402 -6.81 18.88 -11.84
N CYS A 403 -6.70 18.25 -12.99
CA CYS A 403 -6.96 16.84 -13.10
C CYS A 403 -5.63 16.17 -13.38
N PHE A 404 -5.38 15.08 -12.66
CA PHE A 404 -4.17 14.35 -12.73
C PHE A 404 -4.46 12.89 -12.69
N ASP A 405 -4.59 12.37 -13.88
CA ASP A 405 -4.36 10.97 -14.05
C ASP A 405 -2.86 10.72 -13.85
N VAL A 406 -2.54 9.85 -12.90
CA VAL A 406 -1.18 9.46 -12.65
C VAL A 406 -0.83 8.15 -13.31
N GLY A 407 -1.79 7.61 -14.06
CA GLY A 407 -1.77 6.28 -14.62
C GLY A 407 -2.10 5.32 -13.48
N ILE A 408 -1.89 4.01 -13.64
CA ILE A 408 -2.25 3.03 -12.64
C ILE A 408 -1.19 3.08 -11.54
N ALA A 409 -1.20 4.12 -10.74
CA ALA A 409 -0.16 4.49 -9.83
C ALA A 409 -0.81 5.20 -8.65
N GLU A 410 -1.66 4.52 -7.94
CA GLU A 410 -2.36 5.01 -6.77
C GLU A 410 -1.39 5.56 -5.75
N GLN A 411 -0.27 4.88 -5.56
CA GLN A 411 0.82 5.34 -4.69
C GLN A 411 1.20 6.72 -5.14
N HIS A 412 1.38 6.84 -6.46
CA HIS A 412 1.78 8.10 -7.03
C HIS A 412 0.71 9.13 -6.76
N ALA A 413 -0.57 8.77 -6.97
CA ALA A 413 -1.67 9.70 -6.86
C ALA A 413 -1.69 10.33 -5.49
N VAL A 414 -1.40 9.53 -4.46
CA VAL A 414 -1.57 9.90 -3.08
C VAL A 414 -0.40 10.73 -2.64
N THR A 415 0.82 10.35 -2.99
CA THR A 415 2.00 11.10 -2.65
C THR A 415 2.05 12.38 -3.48
N PHE A 416 1.44 12.37 -4.65
CA PHE A 416 1.37 13.52 -5.52
C PHE A 416 0.34 14.45 -4.99
N ALA A 417 -0.75 13.89 -4.54
CA ALA A 417 -1.66 14.63 -3.74
C ALA A 417 -0.91 15.10 -2.51
N ALA A 418 -0.03 14.32 -1.87
CA ALA A 418 0.70 14.83 -0.72
C ALA A 418 1.52 16.04 -1.12
N GLY A 419 2.08 16.01 -2.33
CA GLY A 419 2.94 17.11 -2.78
C GLY A 419 2.13 18.34 -3.16
N LEU A 420 0.95 18.16 -3.78
CA LEU A 420 0.00 19.21 -4.06
C LEU A 420 -0.41 19.84 -2.75
N ALA A 421 -0.79 18.98 -1.82
CA ALA A 421 -1.31 19.31 -0.53
C ALA A 421 -0.28 20.04 0.32
N CYS A 422 0.97 19.65 0.16
CA CYS A 422 2.11 20.29 0.77
C CYS A 422 2.25 21.71 0.34
N GLU A 423 1.98 21.95 -0.94
CA GLU A 423 1.99 23.27 -1.56
C GLU A 423 0.66 23.98 -1.37
N GLY A 424 -0.14 23.47 -0.43
CA GLY A 424 -1.33 24.17 0.09
C GLY A 424 -2.54 23.96 -0.84
N LEU A 425 -2.44 22.99 -1.75
CA LEU A 425 -3.62 22.57 -2.49
C LEU A 425 -4.52 21.75 -1.62
N LYS A 426 -5.66 21.44 -2.22
CA LYS A 426 -6.66 20.58 -1.67
C LYS A 426 -6.84 19.45 -2.65
N PRO A 427 -5.82 18.57 -2.73
CA PRO A 427 -5.85 17.51 -3.68
C PRO A 427 -6.69 16.37 -3.18
N PHE A 428 -7.37 15.80 -4.15
CA PHE A 428 -8.40 14.86 -3.95
C PHE A 428 -8.05 13.68 -4.84
N CYS A 429 -7.63 12.64 -4.17
CA CYS A 429 -7.29 11.39 -4.79
C CYS A 429 -8.58 10.63 -4.91
N ALA A 430 -9.12 10.70 -6.11
CA ALA A 430 -10.19 9.88 -6.54
C ALA A 430 -9.62 8.55 -7.00
N ILE A 431 -10.17 7.49 -6.49
CA ILE A 431 -9.51 6.21 -6.44
C ILE A 431 -10.51 5.28 -5.83
N TYR A 432 -10.30 4.00 -6.07
CA TYR A 432 -11.21 3.04 -5.54
C TYR A 432 -10.60 2.54 -4.27
N SER A 433 -11.42 2.11 -3.34
CA SER A 433 -10.99 1.63 -2.07
C SER A 433 -10.07 0.41 -2.27
N SER A 434 -10.37 -0.46 -3.24
CA SER A 434 -9.50 -1.58 -3.54
C SER A 434 -8.15 -1.08 -3.97
N PHE A 435 -8.13 -0.07 -4.82
CA PHE A 435 -6.86 0.43 -5.31
C PHE A 435 -6.20 1.35 -4.33
N MET A 436 -6.92 1.93 -3.38
CA MET A 436 -6.36 2.78 -2.35
C MET A 436 -5.36 2.00 -1.49
N GLN A 437 -5.60 0.70 -1.41
CA GLN A 437 -4.70 -0.20 -0.69
C GLN A 437 -3.29 -0.08 -1.29
N ARG A 438 -3.17 0.12 -2.60
CA ARG A 438 -1.88 0.36 -3.21
C ARG A 438 -1.24 1.54 -2.60
N ALA A 439 -2.02 2.63 -2.49
CA ALA A 439 -1.50 3.84 -1.95
C ALA A 439 -1.48 3.84 -0.45
N TYR A 440 -1.70 2.69 0.20
CA TYR A 440 -1.93 2.67 1.62
C TYR A 440 -0.84 3.42 2.30
N ASP A 441 0.42 3.01 2.09
CA ASP A 441 1.55 3.68 2.69
C ASP A 441 1.60 5.12 2.38
N GLN A 442 1.32 5.48 1.15
CA GLN A 442 1.38 6.84 0.69
C GLN A 442 0.35 7.65 1.42
N VAL A 443 -0.76 7.05 1.83
CA VAL A 443 -1.69 7.72 2.64
C VAL A 443 -1.06 7.86 3.98
N VAL A 444 -0.57 6.76 4.60
CA VAL A 444 -0.04 6.78 5.92
C VAL A 444 1.05 7.80 6.09
N HIS A 445 2.05 7.64 5.26
CA HIS A 445 3.36 8.22 5.31
C HIS A 445 3.33 9.53 4.61
N ASP A 446 3.02 9.49 3.31
CA ASP A 446 3.12 10.67 2.47
C ASP A 446 2.11 11.72 2.84
N VAL A 447 0.94 11.32 3.31
CA VAL A 447 -0.14 12.26 3.64
C VAL A 447 -0.26 12.47 5.13
N ASP A 448 -0.50 11.41 5.88
CA ASP A 448 -1.15 11.56 7.16
C ASP A 448 -0.21 11.97 8.25
N LEU A 449 1.08 11.65 8.11
CA LEU A 449 2.12 12.04 9.04
C LEU A 449 2.27 13.53 9.09
N GLN A 450 2.10 14.22 7.95
CA GLN A 450 2.06 15.67 7.88
C GLN A 450 0.63 16.18 7.87
N LYS A 451 -0.33 15.28 8.02
CA LYS A 451 -1.75 15.59 8.10
C LYS A 451 -2.08 16.45 6.91
N LEU A 452 -1.77 15.96 5.73
CA LEU A 452 -1.84 16.80 4.57
C LEU A 452 -3.28 16.83 4.11
N PRO A 453 -3.65 17.96 3.46
CA PRO A 453 -4.96 18.10 2.86
C PRO A 453 -5.09 17.21 1.63
N VAL A 454 -4.89 15.90 1.77
CA VAL A 454 -5.25 14.94 0.75
C VAL A 454 -6.59 14.38 1.14
N ARG A 455 -7.56 14.78 0.36
CA ARG A 455 -8.84 14.18 0.37
C ARG A 455 -8.74 12.95 -0.46
N PHE A 456 -9.53 11.96 -0.13
CA PHE A 456 -9.63 10.75 -0.87
C PHE A 456 -11.07 10.52 -1.11
N ALA A 457 -11.41 10.36 -2.39
CA ALA A 457 -12.74 10.09 -2.81
C ALA A 457 -12.71 8.68 -3.30
N MET A 458 -13.01 7.84 -2.35
CA MET A 458 -12.86 6.40 -2.40
C MET A 458 -14.10 5.82 -2.99
N ASP A 459 -14.05 5.60 -4.28
CA ASP A 459 -15.07 4.89 -5.00
C ASP A 459 -14.94 3.40 -4.67
N ARG A 460 -15.87 2.60 -5.16
CA ARG A 460 -15.76 1.15 -5.10
C ARG A 460 -15.53 0.66 -3.69
N ALA A 461 -15.98 1.48 -2.74
CA ALA A 461 -15.81 1.19 -1.35
C ALA A 461 -16.79 0.12 -0.99
N GLY A 462 -16.28 -0.81 -0.21
CA GLY A 462 -16.95 -2.03 0.09
C GLY A 462 -16.97 -2.92 -1.13
N LEU A 463 -17.97 -3.78 -1.16
CA LEU A 463 -18.15 -4.77 -2.19
C LEU A 463 -18.53 -4.08 -3.47
N VAL A 464 -17.62 -4.21 -4.45
CA VAL A 464 -17.86 -3.81 -5.82
C VAL A 464 -18.68 -4.81 -6.58
N GLY A 465 -18.88 -6.01 -6.01
CA GLY A 465 -19.68 -7.03 -6.66
C GLY A 465 -18.79 -7.84 -7.56
N ALA A 466 -19.04 -7.70 -8.86
CA ALA A 466 -18.73 -8.68 -9.87
C ALA A 466 -17.25 -8.73 -10.20
N ASP A 467 -16.47 -7.86 -9.59
CA ASP A 467 -15.03 -7.75 -9.79
C ASP A 467 -14.29 -8.40 -8.63
N GLY A 468 -15.12 -8.89 -7.70
CA GLY A 468 -14.70 -9.90 -6.75
C GLY A 468 -13.61 -9.39 -5.83
N PRO A 469 -12.71 -10.28 -5.38
CA PRO A 469 -11.92 -10.09 -4.22
C PRO A 469 -10.69 -9.26 -4.53
N THR A 470 -10.31 -9.24 -5.79
CA THR A 470 -9.28 -8.34 -6.29
C THR A 470 -9.72 -6.91 -6.29
N HIS A 471 -11.01 -6.64 -6.13
CA HIS A 471 -11.54 -5.33 -6.33
C HIS A 471 -12.51 -4.87 -5.26
N CYS A 472 -12.84 -5.74 -4.32
CA CYS A 472 -13.65 -5.36 -3.21
C CYS A 472 -12.79 -4.45 -2.35
N GLY A 473 -13.28 -3.21 -2.23
CA GLY A 473 -12.66 -2.16 -1.44
C GLY A 473 -13.25 -2.18 -0.02
N ALA A 474 -13.33 -3.34 0.63
CA ALA A 474 -13.89 -3.40 1.98
C ALA A 474 -12.86 -3.11 3.06
N PHE A 475 -11.62 -2.72 2.71
CA PHE A 475 -10.55 -2.67 3.67
C PHE A 475 -10.21 -1.28 4.06
N ASP A 476 -10.62 -0.28 3.30
CA ASP A 476 -10.24 1.11 3.52
C ASP A 476 -10.68 1.53 4.88
N VAL A 477 -11.92 1.19 5.26
CA VAL A 477 -12.48 1.48 6.57
C VAL A 477 -11.61 0.94 7.66
N THR A 478 -10.80 -0.09 7.41
CA THR A 478 -9.88 -0.57 8.38
C THR A 478 -8.58 0.15 8.27
N PHE A 479 -7.94 0.03 7.11
CA PHE A 479 -6.56 0.40 6.97
C PHE A 479 -6.39 1.90 7.15
N MET A 480 -7.31 2.70 6.60
CA MET A 480 -7.31 4.14 6.75
C MET A 480 -7.54 4.55 8.17
N ALA A 481 -8.37 3.79 8.88
CA ALA A 481 -8.86 4.21 10.16
C ALA A 481 -7.80 4.02 11.24
N CYS A 482 -6.77 3.24 10.93
CA CYS A 482 -5.64 3.10 11.84
C CYS A 482 -4.59 4.18 11.60
N LEU A 483 -4.83 5.05 10.61
CA LEU A 483 -3.86 6.03 10.19
C LEU A 483 -4.21 7.29 10.88
N PRO A 484 -3.39 7.76 11.80
CA PRO A 484 -3.66 8.92 12.53
C PRO A 484 -4.00 10.05 11.61
N ASN A 485 -5.13 10.71 11.93
CA ASN A 485 -5.56 11.94 11.30
C ASN A 485 -6.21 11.73 9.96
N MET A 486 -6.20 10.48 9.48
CA MET A 486 -7.01 10.11 8.38
C MET A 486 -8.40 10.03 8.87
N ILE A 487 -9.11 11.10 8.62
CA ILE A 487 -10.54 11.08 8.77
C ILE A 487 -11.09 10.19 7.70
N VAL A 488 -12.13 9.43 8.04
CA VAL A 488 -12.84 8.52 7.18
C VAL A 488 -14.30 8.80 7.34
N MET A 489 -14.92 8.91 6.20
CA MET A 489 -16.32 9.14 6.00
C MET A 489 -16.86 8.12 5.07
N ALA A 490 -18.19 8.08 5.08
CA ALA A 490 -19.00 7.38 4.17
C ALA A 490 -20.27 8.18 4.06
N PRO A 491 -20.47 8.83 2.90
CA PRO A 491 -21.69 9.55 2.65
C PRO A 491 -22.81 8.57 2.36
N SER A 492 -24.01 8.90 2.86
CA SER A 492 -25.22 8.09 2.60
C SER A 492 -25.86 8.43 1.25
N ASP A 493 -25.44 9.56 0.67
CA ASP A 493 -25.92 10.02 -0.62
C ASP A 493 -24.99 11.10 -1.15
N GLU A 494 -25.33 11.63 -2.31
CA GLU A 494 -24.48 12.64 -2.92
C GLU A 494 -24.44 13.89 -2.06
N ALA A 495 -25.53 14.20 -1.36
CA ALA A 495 -25.56 15.40 -0.56
C ALA A 495 -24.49 15.27 0.50
N ASP A 496 -24.57 14.21 1.30
CA ASP A 496 -23.56 13.90 2.29
C ASP A 496 -22.22 13.82 1.67
N LEU A 497 -22.09 13.27 0.47
CA LEU A 497 -20.79 13.14 -0.18
C LEU A 497 -20.27 14.51 -0.46
N PHE A 498 -21.10 15.42 -0.93
CA PHE A 498 -20.67 16.74 -1.21
C PHE A 498 -20.26 17.42 0.07
N ASN A 499 -21.05 17.21 1.11
CA ASN A 499 -20.85 17.90 2.38
C ASN A 499 -19.53 17.55 2.96
N MET A 500 -19.25 16.26 2.83
CA MET A 500 -18.04 15.58 3.14
C MET A 500 -16.88 16.11 2.35
N VAL A 501 -17.08 16.22 1.04
CA VAL A 501 -16.06 16.77 0.15
C VAL A 501 -15.75 18.18 0.60
N ALA A 502 -16.81 18.95 0.87
CA ALA A 502 -16.88 20.37 1.15
C ALA A 502 -16.26 20.69 2.48
N THR A 503 -16.33 19.74 3.41
CA THR A 503 -15.66 19.84 4.67
C THR A 503 -14.23 19.50 4.46
N ALA A 504 -13.84 18.42 3.81
CA ALA A 504 -12.43 18.05 3.68
C ALA A 504 -11.64 19.08 2.92
N VAL A 505 -12.29 19.77 1.98
CA VAL A 505 -11.64 20.84 1.23
C VAL A 505 -11.43 22.00 2.19
N ALA A 506 -12.45 22.26 3.01
CA ALA A 506 -12.36 23.33 4.03
C ALA A 506 -11.41 22.97 5.15
N ILE A 507 -11.23 21.68 5.40
CA ILE A 507 -10.49 21.08 6.46
C ILE A 507 -9.18 20.67 5.79
N ASP A 508 -8.38 21.66 5.42
CA ASP A 508 -7.14 21.45 4.69
C ASP A 508 -5.97 21.30 5.66
N ASP A 509 -6.27 21.03 6.93
CA ASP A 509 -5.26 20.81 7.97
C ASP A 509 -4.94 19.33 8.11
N ARG A 510 -5.60 18.47 7.31
CA ARG A 510 -5.59 17.03 7.50
C ARG A 510 -6.19 16.37 6.29
N PRO A 511 -5.99 15.05 6.18
CA PRO A 511 -6.63 14.31 5.15
C PRO A 511 -7.99 13.75 5.60
N SER A 512 -8.83 13.41 4.60
CA SER A 512 -10.19 12.93 4.76
C SER A 512 -10.45 11.99 3.64
N CYS A 513 -10.96 10.84 4.00
CA CYS A 513 -11.35 9.80 3.07
C CYS A 513 -12.85 9.78 3.07
N PHE A 514 -13.40 9.56 1.90
CA PHE A 514 -14.81 9.55 1.61
C PHE A 514 -15.08 8.31 0.83
N ARG A 515 -15.70 7.37 1.50
CA ARG A 515 -15.80 6.06 0.93
C ARG A 515 -17.24 5.76 0.67
N TYR A 516 -17.46 5.47 -0.59
CA TYR A 516 -18.74 5.29 -1.21
C TYR A 516 -18.54 4.25 -2.27
N PRO A 517 -19.57 3.48 -2.55
CA PRO A 517 -19.40 2.22 -3.20
C PRO A 517 -19.42 2.45 -4.69
N ARG A 518 -19.07 1.37 -5.38
CA ARG A 518 -19.52 1.18 -6.72
C ARG A 518 -21.01 1.03 -6.67
N GLY A 519 -21.71 1.92 -7.36
CA GLY A 519 -23.16 1.93 -7.36
C GLY A 519 -23.68 3.34 -7.58
N ASN A 520 -24.93 3.52 -7.17
CA ASN A 520 -25.76 4.65 -7.42
C ASN A 520 -26.47 5.02 -6.13
N GLY A 521 -26.83 6.30 -6.14
CA GLY A 521 -27.37 6.99 -4.98
C GLY A 521 -28.47 7.89 -5.46
N ILE A 522 -28.43 9.15 -5.03
CA ILE A 522 -29.31 10.17 -5.55
C ILE A 522 -28.49 11.31 -5.98
N GLY A 523 -28.74 11.66 -7.24
CA GLY A 523 -28.29 12.91 -7.83
C GLY A 523 -28.98 14.06 -7.11
N VAL A 524 -28.18 14.96 -6.51
CA VAL A 524 -28.64 16.16 -5.91
C VAL A 524 -28.39 17.30 -6.85
N ALA A 525 -28.96 18.44 -6.52
CA ALA A 525 -28.65 19.67 -7.22
C ALA A 525 -27.23 20.04 -6.93
N LEU A 526 -26.65 20.67 -7.94
CA LEU A 526 -25.39 21.40 -7.88
C LEU A 526 -25.44 22.40 -6.73
N PRO A 527 -24.36 23.17 -6.52
CA PRO A 527 -24.37 24.29 -5.61
C PRO A 527 -25.54 25.29 -5.64
N PRO A 528 -26.20 25.50 -6.80
CA PRO A 528 -27.42 26.26 -6.90
C PRO A 528 -28.54 25.74 -5.99
N GLY A 529 -28.59 24.41 -5.81
CA GLY A 529 -29.49 23.80 -4.84
C GLY A 529 -28.81 23.52 -3.48
N ASN A 530 -27.53 23.88 -3.39
CA ASN A 530 -26.75 23.92 -2.16
C ASN A 530 -26.56 22.56 -1.55
N LYS A 531 -26.14 21.60 -2.41
CA LYS A 531 -25.68 20.32 -1.88
C LYS A 531 -24.44 20.51 -1.03
N GLY A 532 -23.87 21.71 -1.00
CA GLY A 532 -22.88 22.15 -0.04
C GLY A 532 -23.57 22.41 1.29
N VAL A 533 -24.31 21.40 1.76
CA VAL A 533 -24.78 21.31 3.13
C VAL A 533 -23.52 21.23 3.99
N PRO A 534 -23.47 21.97 5.08
CA PRO A 534 -22.44 21.80 6.04
C PRO A 534 -22.77 20.56 6.85
N ILE A 535 -21.71 19.79 7.07
CA ILE A 535 -21.80 18.70 8.01
C ILE A 535 -20.66 18.87 8.96
N GLU A 536 -20.87 18.35 10.19
CA GLU A 536 -19.83 18.19 11.14
C GLU A 536 -19.20 16.85 10.82
N ILE A 537 -17.95 16.93 10.36
CA ILE A 537 -17.11 15.78 10.25
C ILE A 537 -16.91 15.13 11.59
N GLY A 538 -17.17 13.83 11.50
CA GLY A 538 -17.01 12.94 12.60
C GLY A 538 -18.36 12.67 13.31
N LYS A 539 -19.38 13.50 13.04
CA LYS A 539 -20.66 13.41 13.76
C LYS A 539 -21.70 12.74 12.90
N GLY A 540 -22.07 11.55 13.37
CA GLY A 540 -23.06 10.73 12.77
C GLY A 540 -24.43 11.45 12.75
N ARG A 541 -25.37 10.82 12.09
CA ARG A 541 -26.70 11.32 11.97
C ARG A 541 -27.61 10.18 12.14
N ILE A 542 -28.39 10.21 13.20
CA ILE A 542 -29.49 9.30 13.36
C ILE A 542 -30.47 9.64 12.25
N LEU A 543 -30.83 8.58 11.55
CA LEU A 543 -31.75 8.57 10.46
C LEU A 543 -33.06 7.91 10.79
N LYS A 544 -33.13 7.16 11.88
CA LYS A 544 -34.30 6.45 12.30
C LYS A 544 -34.25 6.37 13.81
N GLU A 545 -35.39 6.56 14.46
CA GLU A 545 -35.51 6.50 15.91
C GLU A 545 -35.46 5.09 16.37
N GLY A 546 -35.14 4.96 17.65
CA GLY A 546 -35.02 3.70 18.35
C GLY A 546 -33.98 3.78 19.44
N GLU A 547 -34.27 3.00 20.51
CA GLU A 547 -33.53 2.93 21.74
C GLU A 547 -33.40 1.48 22.16
N ARG A 548 -34.03 0.54 21.46
CA ARG A 548 -33.86 -0.90 21.71
C ARG A 548 -32.52 -1.32 21.15
N VAL A 549 -32.41 -1.14 19.83
CA VAL A 549 -31.22 -1.50 19.07
C VAL A 549 -30.82 -0.31 18.25
N ALA A 550 -29.52 -0.08 18.09
CA ALA A 550 -29.05 0.97 17.20
C ALA A 550 -28.11 0.43 16.15
N LEU A 551 -28.42 0.72 14.89
CA LEU A 551 -27.75 0.19 13.72
C LEU A 551 -26.93 1.30 13.21
N LEU A 552 -25.67 1.20 13.52
CA LEU A 552 -24.68 2.17 13.16
C LEU A 552 -24.20 1.64 11.82
N GLY A 553 -24.37 2.42 10.77
CA GLY A 553 -23.87 2.04 9.46
C GLY A 553 -23.89 3.21 8.51
N TYR A 554 -23.27 3.02 7.37
CA TYR A 554 -22.97 4.14 6.47
C TYR A 554 -22.90 3.62 5.07
N GLY A 555 -23.17 4.50 4.12
CA GLY A 555 -23.09 4.16 2.72
C GLY A 555 -24.04 3.01 2.44
N SER A 556 -23.52 2.01 1.71
CA SER A 556 -24.24 0.75 1.44
C SER A 556 -24.74 0.14 2.73
N ALA A 557 -23.96 0.15 3.81
CA ALA A 557 -24.38 -0.42 5.08
C ALA A 557 -25.44 0.40 5.73
N VAL A 558 -25.50 1.73 5.53
CA VAL A 558 -26.64 2.45 6.11
C VAL A 558 -27.89 2.12 5.37
N GLN A 559 -27.77 1.98 4.04
CA GLN A 559 -28.92 1.59 3.26
C GLN A 559 -29.42 0.24 3.70
N SER A 560 -28.51 -0.63 4.14
CA SER A 560 -28.90 -1.90 4.67
C SER A 560 -29.57 -1.71 6.02
N CYS A 561 -29.05 -0.84 6.87
CA CYS A 561 -29.56 -0.65 8.23
C CYS A 561 -30.97 -0.08 8.22
N LEU A 562 -31.18 0.87 7.30
CA LEU A 562 -32.41 1.56 7.12
C LEU A 562 -33.39 0.66 6.49
N GLY A 563 -32.90 -0.16 5.55
CA GLY A 563 -33.74 -1.17 4.92
C GLY A 563 -34.07 -2.28 5.91
N ALA A 564 -33.16 -2.60 6.81
CA ALA A 564 -33.41 -3.54 7.88
C ALA A 564 -34.47 -3.01 8.80
N ALA A 565 -34.38 -1.71 9.00
CA ALA A 565 -35.19 -0.98 9.90
C ALA A 565 -36.38 -0.39 9.23
N VAL A 566 -36.70 -0.91 8.04
CA VAL A 566 -37.92 -0.57 7.36
C VAL A 566 -39.07 -0.93 8.26
N MET A 567 -39.07 -2.18 8.78
CA MET A 567 -40.14 -2.64 9.61
C MET A 567 -40.06 -1.99 10.96
N LEU A 568 -38.85 -1.79 11.44
CA LEU A 568 -38.65 -1.23 12.75
C LEU A 568 -39.31 0.13 12.79
N GLU A 569 -39.34 0.76 11.62
CA GLU A 569 -39.93 2.06 11.45
C GLU A 569 -41.43 1.99 11.65
N GLU A 570 -42.04 0.98 11.01
CA GLU A 570 -43.46 0.66 11.10
C GLU A 570 -43.81 0.03 12.43
N ARG A 571 -42.85 -0.06 13.32
CA ARG A 571 -42.95 -0.72 14.60
C ARG A 571 -42.50 0.21 15.68
N GLY A 572 -43.01 1.44 15.60
CA GLY A 572 -42.85 2.47 16.61
C GLY A 572 -41.41 2.97 16.72
N LEU A 573 -40.57 2.63 15.72
CA LEU A 573 -39.19 3.00 15.64
C LEU A 573 -38.42 2.49 16.81
N ASN A 574 -38.40 1.19 17.05
CA ASN A 574 -37.69 0.61 18.19
C ASN A 574 -36.22 0.59 17.97
N VAL A 575 -35.81 0.42 16.73
CA VAL A 575 -34.43 0.18 16.40
C VAL A 575 -34.01 1.35 15.60
N THR A 576 -33.13 2.15 16.17
CA THR A 576 -32.61 3.30 15.49
C THR A 576 -31.67 2.82 14.44
N VAL A 577 -31.47 3.72 13.49
CA VAL A 577 -30.44 3.63 12.52
C VAL A 577 -29.77 4.94 12.53
N ALA A 578 -28.47 4.86 12.72
CA ALA A 578 -27.55 5.95 12.69
C ALA A 578 -26.68 5.76 11.52
N ASP A 579 -26.67 6.83 10.71
CA ASP A 579 -25.66 7.06 9.74
C ASP A 579 -24.38 7.33 10.47
N ALA A 580 -23.61 6.24 10.56
CA ALA A 580 -22.29 6.19 11.06
C ALA A 580 -21.34 6.63 9.93
N ARG A 581 -21.77 7.63 9.18
CA ARG A 581 -21.13 8.25 8.05
C ARG A 581 -19.75 8.78 8.35
N PHE A 582 -19.29 8.66 9.57
CA PHE A 582 -17.91 8.86 9.95
C PHE A 582 -17.39 7.64 10.65
N CYS A 583 -16.37 7.05 10.01
CA CYS A 583 -15.66 5.93 10.56
C CYS A 583 -14.40 6.41 11.27
N LYS A 584 -13.89 7.59 10.85
CA LYS A 584 -12.84 8.25 11.53
C LYS A 584 -13.05 9.76 11.42
N PRO A 585 -13.00 10.53 12.52
CA PRO A 585 -13.26 9.95 13.80
C PRO A 585 -14.67 9.35 13.77
N LEU A 586 -14.96 8.38 14.62
CA LEU A 586 -16.35 8.07 14.91
C LEU A 586 -17.00 9.22 15.60
N ASP A 587 -18.33 9.22 15.55
CA ASP A 587 -19.20 9.94 16.44
C ASP A 587 -19.16 9.16 17.72
N ARG A 588 -18.06 9.37 18.46
CA ARG A 588 -17.83 8.79 19.75
C ARG A 588 -18.99 9.16 20.67
N ALA A 589 -19.49 10.38 20.53
CA ALA A 589 -20.53 10.90 21.38
C ALA A 589 -21.84 10.22 21.08
N LEU A 590 -22.11 9.99 19.82
CA LEU A 590 -23.34 9.33 19.43
C LEU A 590 -23.23 7.85 19.71
N ILE A 591 -22.09 7.26 19.43
CA ILE A 591 -21.83 5.87 19.72
C ILE A 591 -22.09 5.69 21.17
N ARG A 592 -21.49 6.54 21.99
CA ARG A 592 -21.55 6.53 23.44
C ARG A 592 -22.98 6.65 23.89
N SER A 593 -23.72 7.51 23.24
CA SER A 593 -25.05 7.84 23.67
C SER A 593 -26.04 6.77 23.31
N LEU A 594 -25.89 6.18 22.11
CA LEU A 594 -26.61 5.01 21.69
C LEU A 594 -26.13 3.83 22.52
N ALA A 595 -24.85 3.76 22.84
CA ALA A 595 -24.24 2.58 23.42
C ALA A 595 -24.75 2.33 24.80
N LYS A 596 -24.87 3.44 25.54
CA LYS A 596 -25.30 3.47 26.92
C LYS A 596 -26.82 3.41 27.02
N SER A 597 -27.52 3.70 25.91
CA SER A 597 -28.99 3.76 25.98
C SER A 597 -29.64 2.51 25.39
N HIS A 598 -29.01 1.91 24.39
CA HIS A 598 -29.48 0.75 23.71
C HIS A 598 -29.05 -0.49 24.43
N GLU A 599 -30.01 -1.42 24.48
CA GLU A 599 -29.76 -2.78 24.96
C GLU A 599 -28.63 -3.39 24.17
N VAL A 600 -28.58 -3.00 22.91
CA VAL A 600 -27.74 -3.64 21.91
C VAL A 600 -27.37 -2.60 20.87
N LEU A 601 -26.28 -2.85 20.14
CA LEU A 601 -26.02 -2.22 18.89
C LEU A 601 -25.83 -3.26 17.84
N ILE A 602 -25.98 -2.76 16.64
CA ILE A 602 -25.45 -3.39 15.46
C ILE A 602 -24.52 -2.35 14.89
N THR A 603 -23.35 -2.76 14.42
CA THR A 603 -22.65 -1.97 13.41
C THR A 603 -22.78 -2.72 12.14
N VAL A 604 -22.75 -1.92 11.10
CA VAL A 604 -22.86 -2.36 9.77
C VAL A 604 -21.93 -1.53 8.94
N GLU A 605 -21.10 -2.22 8.20
CA GLU A 605 -20.23 -1.59 7.27
C GLU A 605 -20.10 -2.54 6.13
N GLU A 606 -20.01 -1.91 4.96
CA GLU A 606 -19.61 -2.53 3.73
C GLU A 606 -18.11 -2.54 3.75
N GLY A 607 -17.55 -3.22 4.73
CA GLY A 607 -16.13 -3.38 4.90
C GLY A 607 -15.89 -4.67 5.66
N SER A 608 -14.65 -5.13 5.70
CA SER A 608 -14.20 -6.19 6.57
C SER A 608 -14.54 -5.89 8.02
N ILE A 609 -14.68 -6.94 8.80
CA ILE A 609 -14.84 -6.90 10.23
C ILE A 609 -13.55 -6.60 10.95
N GLY A 610 -12.84 -5.60 10.42
CA GLY A 610 -11.71 -4.92 11.03
C GLY A 610 -11.88 -3.41 10.99
N GLY A 611 -12.94 -2.91 10.36
CA GLY A 611 -13.08 -1.51 10.04
C GLY A 611 -13.93 -0.79 11.09
N PHE A 612 -14.99 -0.15 10.62
CA PHE A 612 -15.90 0.61 11.40
C PHE A 612 -16.34 -0.07 12.66
N GLY A 613 -16.74 -1.33 12.53
CA GLY A 613 -17.24 -2.11 13.62
C GLY A 613 -16.15 -2.22 14.66
N SER A 614 -14.94 -2.51 14.23
CA SER A 614 -13.80 -2.58 15.13
C SER A 614 -13.54 -1.24 15.77
N HIS A 615 -13.84 -0.14 15.07
CA HIS A 615 -13.65 1.20 15.65
C HIS A 615 -14.70 1.41 16.71
N VAL A 616 -15.95 1.10 16.38
CA VAL A 616 -17.03 1.32 17.29
C VAL A 616 -16.71 0.59 18.55
N VAL A 617 -16.31 -0.67 18.45
CA VAL A 617 -16.12 -1.48 19.60
C VAL A 617 -14.91 -1.00 20.34
N GLN A 618 -13.90 -0.48 19.62
CA GLN A 618 -12.72 0.14 20.21
C GLN A 618 -13.18 1.38 20.93
N PHE A 619 -14.16 2.11 20.43
CA PHE A 619 -14.59 3.33 21.09
C PHE A 619 -15.44 2.98 22.28
N LEU A 620 -16.27 1.95 22.17
CA LEU A 620 -17.05 1.42 23.24
C LEU A 620 -16.13 0.91 24.33
N ALA A 621 -14.96 0.37 23.96
CA ALA A 621 -13.98 -0.16 24.83
C ALA A 621 -13.49 0.97 25.70
N LEU A 622 -13.11 2.03 25.02
CA LEU A 622 -12.58 3.21 25.66
C LEU A 622 -13.66 3.93 26.46
N ASP A 623 -14.92 3.71 26.06
CA ASP A 623 -16.08 4.29 26.71
C ASP A 623 -16.70 3.25 27.61
N GLY A 624 -15.87 2.35 28.11
CA GLY A 624 -16.18 1.53 29.28
C GLY A 624 -16.38 2.42 30.49
N LEU A 625 -16.02 3.71 30.35
CA LEU A 625 -16.36 4.78 31.24
C LEU A 625 -17.86 4.87 31.36
N LEU A 626 -18.57 4.62 30.28
CA LEU A 626 -19.99 4.77 30.11
C LEU A 626 -20.66 3.43 29.78
N ASP A 627 -19.93 2.33 30.05
CA ASP A 627 -20.43 0.98 29.81
C ASP A 627 -20.82 0.78 28.39
N GLY A 628 -19.86 1.01 27.51
CA GLY A 628 -19.96 0.61 26.10
C GLY A 628 -20.05 -0.90 25.91
N LYS A 629 -20.22 -1.67 26.99
CA LYS A 629 -20.30 -3.13 26.98
C LYS A 629 -21.70 -3.65 26.70
N LEU A 630 -22.40 -2.96 25.82
CA LEU A 630 -23.57 -3.41 25.13
C LEU A 630 -23.32 -4.63 24.33
N LYS A 631 -24.43 -5.21 23.92
CA LYS A 631 -24.50 -6.34 23.01
C LYS A 631 -24.35 -5.81 21.62
N TRP A 632 -23.17 -5.93 21.04
CA TRP A 632 -22.89 -5.38 19.76
C TRP A 632 -22.83 -6.47 18.70
N ARG A 633 -23.31 -6.10 17.53
CA ARG A 633 -23.35 -7.00 16.40
C ARG A 633 -22.69 -6.37 15.21
N PRO A 634 -21.42 -6.71 14.93
CA PRO A 634 -20.77 -6.33 13.72
C PRO A 634 -21.31 -7.19 12.58
N MET A 635 -21.95 -6.51 11.64
CA MET A 635 -22.62 -7.07 10.49
C MET A 635 -22.04 -6.46 9.23
N VAL A 636 -21.10 -7.19 8.66
CA VAL A 636 -20.17 -6.59 7.74
C VAL A 636 -19.64 -7.66 6.82
N LEU A 637 -18.70 -7.22 5.96
CA LEU A 637 -17.93 -8.14 5.21
C LEU A 637 -17.08 -8.97 6.16
N PRO A 638 -17.10 -10.31 6.02
CA PRO A 638 -16.25 -11.15 6.77
C PRO A 638 -14.81 -10.88 6.37
N ASP A 639 -13.95 -11.40 7.25
CA ASP A 639 -12.52 -11.50 6.98
C ASP A 639 -12.26 -12.70 6.10
N ARG A 640 -12.86 -12.61 4.92
CA ARG A 640 -12.76 -13.54 3.84
C ARG A 640 -12.95 -12.72 2.60
N TYR A 641 -12.04 -12.94 1.66
CA TYR A 641 -12.15 -12.38 0.34
C TYR A 641 -13.33 -12.94 -0.37
N ILE A 642 -13.97 -12.02 -1.07
CA ILE A 642 -15.31 -12.21 -1.53
C ILE A 642 -15.20 -12.38 -3.00
N ASP A 643 -15.70 -13.50 -3.47
CA ASP A 643 -15.74 -13.75 -4.89
C ASP A 643 -16.75 -12.84 -5.57
N HIS A 644 -16.51 -12.61 -6.84
CA HIS A 644 -17.31 -11.75 -7.68
C HIS A 644 -18.75 -12.23 -7.62
N GLY A 645 -19.63 -11.26 -7.42
CA GLY A 645 -21.04 -11.46 -7.38
C GLY A 645 -21.82 -10.16 -7.51
N ALA A 646 -23.11 -10.09 -7.13
CA ALA A 646 -23.66 -8.78 -6.81
C ALA A 646 -23.05 -8.37 -5.49
N PRO A 647 -22.84 -7.07 -5.25
CA PRO A 647 -22.64 -6.58 -3.93
C PRO A 647 -23.73 -7.13 -3.04
N ALA A 648 -24.99 -7.02 -3.43
CA ALA A 648 -26.05 -7.52 -2.60
C ALA A 648 -25.92 -9.01 -2.26
N ASP A 649 -25.50 -9.84 -3.21
CA ASP A 649 -25.28 -11.25 -2.89
C ASP A 649 -24.24 -11.38 -1.87
N GLN A 650 -23.09 -10.74 -2.08
CA GLN A 650 -21.95 -10.78 -1.21
C GLN A 650 -22.28 -10.21 0.15
N LEU A 651 -22.99 -9.12 0.20
CA LEU A 651 -23.44 -8.44 1.41
C LEU A 651 -24.39 -9.29 2.18
N ALA A 652 -25.23 -10.02 1.47
CA ALA A 652 -26.23 -10.92 2.05
C ALA A 652 -25.49 -12.06 2.72
N GLU A 653 -24.51 -12.62 2.00
CA GLU A 653 -23.69 -13.71 2.44
C GLU A 653 -22.77 -13.26 3.56
N ALA A 654 -22.43 -11.96 3.56
CA ALA A 654 -21.65 -11.33 4.61
C ALA A 654 -22.53 -11.00 5.81
N GLY A 655 -23.85 -10.98 5.59
CA GLY A 655 -24.86 -10.82 6.61
C GLY A 655 -24.91 -9.38 7.11
N LEU A 656 -24.77 -8.44 6.19
CA LEU A 656 -24.94 -7.04 6.48
C LEU A 656 -26.15 -6.49 5.80
N MET A 657 -26.78 -7.24 4.91
CA MET A 657 -27.97 -6.69 4.24
C MET A 657 -29.10 -6.54 5.18
N PRO A 658 -30.14 -5.79 4.78
CA PRO A 658 -31.27 -5.53 5.61
C PRO A 658 -31.83 -6.75 6.31
N SER A 659 -31.94 -7.85 5.55
CA SER A 659 -32.54 -9.08 6.02
C SER A 659 -31.67 -9.64 7.15
N HIS A 660 -30.38 -9.54 6.99
CA HIS A 660 -29.43 -10.08 7.92
C HIS A 660 -29.29 -9.22 9.13
N ILE A 661 -29.36 -7.90 8.97
CA ILE A 661 -29.37 -6.97 10.07
C ILE A 661 -30.65 -7.16 10.85
N ALA A 662 -31.74 -7.42 10.15
CA ALA A 662 -33.03 -7.66 10.78
C ALA A 662 -32.95 -8.99 11.51
N ALA A 663 -32.26 -9.99 10.96
CA ALA A 663 -32.08 -11.25 11.61
C ALA A 663 -31.21 -11.05 12.84
N THR A 664 -30.28 -10.10 12.77
CA THR A 664 -29.44 -9.73 13.87
C THR A 664 -30.31 -9.05 14.90
N ALA A 665 -31.23 -8.22 14.44
CA ALA A 665 -32.08 -7.45 15.33
C ALA A 665 -33.02 -8.37 16.06
N LEU A 666 -33.35 -9.52 15.46
CA LEU A 666 -34.09 -10.59 16.08
C LEU A 666 -33.23 -11.44 16.95
N ASN A 667 -31.96 -11.51 16.64
CA ASN A 667 -30.97 -12.08 17.52
C ASN A 667 -30.67 -11.17 18.68
N LEU A 668 -31.18 -9.96 18.65
CA LEU A 668 -31.09 -9.00 19.71
C LEU A 668 -32.46 -8.77 20.33
N PRO B 33 36.85 25.82 12.94
CA PRO B 33 36.96 24.73 11.99
C PRO B 33 36.06 24.89 10.78
N THR B 34 34.93 25.60 10.96
CA THR B 34 33.84 25.61 10.02
C THR B 34 33.35 27.03 9.80
N PRO B 35 34.21 27.95 9.47
CA PRO B 35 33.96 29.36 9.45
C PRO B 35 32.84 29.74 8.49
N LEU B 36 32.72 28.97 7.39
CA LEU B 36 31.67 29.21 6.45
C LEU B 36 30.37 28.84 7.04
N LEU B 37 30.32 27.70 7.72
CA LEU B 37 29.09 27.12 8.23
C LEU B 37 28.66 27.82 9.47
N ASP B 38 29.63 28.41 10.16
CA ASP B 38 29.42 29.23 11.33
C ASP B 38 28.68 30.48 10.97
N THR B 39 28.82 30.89 9.72
CA THR B 39 28.12 32.06 9.21
C THR B 39 26.95 31.65 8.35
N ILE B 40 26.60 30.36 8.36
CA ILE B 40 25.46 29.86 7.66
C ILE B 40 24.47 29.28 8.63
N ASN B 41 23.37 30.02 8.73
CA ASN B 41 22.17 29.68 9.44
C ASN B 41 21.05 29.35 8.49
N TYR B 42 21.27 29.51 7.18
CA TYR B 42 20.25 29.32 6.17
C TYR B 42 20.81 29.45 4.77
N PRO B 43 20.06 29.03 3.74
CA PRO B 43 20.49 29.04 2.39
C PRO B 43 20.91 30.42 1.90
N ILE B 44 20.33 31.50 2.43
CA ILE B 44 20.76 32.86 2.08
C ILE B 44 22.19 33.11 2.45
N HIS B 45 22.58 32.64 3.65
CA HIS B 45 23.91 32.78 4.10
C HIS B 45 24.86 31.99 3.23
N MET B 46 24.43 30.85 2.77
CA MET B 46 25.29 30.05 1.88
C MET B 46 25.52 30.77 0.59
N LYS B 47 24.49 31.48 0.11
CA LYS B 47 24.57 32.19 -1.17
C LYS B 47 25.49 33.39 -1.04
N ASN B 48 25.70 33.89 0.18
CA ASN B 48 26.67 34.91 0.42
C ASN B 48 28.09 34.40 0.28
N LEU B 49 28.29 33.08 0.29
CA LEU B 49 29.53 32.52 -0.16
C LEU B 49 29.70 32.72 -1.67
N SER B 50 30.95 32.57 -2.09
CA SER B 50 31.24 32.26 -3.47
C SER B 50 31.09 30.77 -3.68
N VAL B 51 30.95 30.44 -4.95
CA VAL B 51 30.91 29.06 -5.40
C VAL B 51 32.17 28.38 -4.91
N LYS B 52 33.31 29.06 -4.90
CA LYS B 52 34.60 28.49 -4.54
C LYS B 52 34.62 28.05 -3.09
N GLU B 53 33.93 28.81 -2.26
CA GLU B 53 33.83 28.52 -0.84
C GLU B 53 32.95 27.36 -0.59
N LEU B 54 32.19 26.90 -1.58
CA LEU B 54 31.22 25.84 -1.35
C LEU B 54 31.92 24.50 -1.15
N LYS B 55 33.02 24.27 -1.84
CA LYS B 55 33.90 23.15 -1.59
C LYS B 55 34.41 23.16 -0.16
N GLN B 56 34.74 24.35 0.35
CA GLN B 56 35.20 24.47 1.72
C GLN B 56 34.02 24.21 2.63
N LEU B 57 32.85 24.73 2.30
CA LEU B 57 31.68 24.67 3.12
C LEU B 57 31.26 23.21 3.24
N SER B 58 31.45 22.43 2.18
CA SER B 58 31.02 21.09 2.15
C SER B 58 31.91 20.25 3.03
N ASP B 59 33.20 20.55 3.07
CA ASP B 59 34.11 19.87 3.93
C ASP B 59 33.70 20.13 5.35
N GLU B 60 33.32 21.37 5.63
CA GLU B 60 32.79 21.75 6.92
C GLU B 60 31.52 21.02 7.25
N LEU B 61 30.63 20.93 6.29
CA LEU B 61 29.37 20.24 6.49
C LEU B 61 29.61 18.79 6.73
N ARG B 62 30.50 18.18 6.00
CA ARG B 62 30.82 16.81 6.21
C ARG B 62 31.47 16.64 7.54
N SER B 63 32.22 17.59 8.04
CA SER B 63 32.90 17.43 9.31
C SER B 63 31.84 17.59 10.40
N ASP B 64 30.82 18.44 10.17
CA ASP B 64 29.69 18.65 11.05
C ASP B 64 28.85 17.44 11.05
N VAL B 65 28.59 16.84 9.88
CA VAL B 65 27.76 15.65 9.74
C VAL B 65 28.48 14.51 10.43
N ILE B 66 29.80 14.41 10.20
CA ILE B 66 30.65 13.43 10.85
C ILE B 66 30.47 13.55 12.34
N PHE B 67 30.55 14.76 12.86
CA PHE B 67 30.49 14.99 14.28
C PHE B 67 29.10 14.70 14.78
N ASN B 68 28.09 15.08 14.02
CA ASN B 68 26.71 14.91 14.39
C ASN B 68 26.42 13.44 14.60
N VAL B 69 26.95 12.63 13.69
CA VAL B 69 26.75 11.20 13.67
C VAL B 69 27.74 10.43 14.54
N SER B 70 28.84 11.11 14.88
CA SER B 70 29.91 10.51 15.65
C SER B 70 29.43 10.06 17.02
N LYS B 71 28.35 10.67 17.50
CA LYS B 71 27.80 10.39 18.80
C LYS B 71 27.08 9.05 18.86
N THR B 72 26.51 8.65 17.74
CA THR B 72 25.86 7.38 17.34
C THR B 72 24.62 7.56 16.55
N LEU B 76 25.42 9.01 8.64
CA LEU B 76 26.62 9.58 8.19
C LEU B 76 26.68 9.41 6.70
N GLY B 77 26.65 8.19 6.23
CA GLY B 77 27.12 7.92 4.87
C GLY B 77 26.21 8.59 3.81
N SER B 78 24.89 8.50 3.98
CA SER B 78 23.99 9.12 3.04
C SER B 78 24.17 10.64 3.03
N SER B 79 24.17 11.25 4.20
CA SER B 79 24.22 12.69 4.28
C SER B 79 25.52 13.22 3.76
N LEU B 80 26.61 12.56 4.13
CA LEU B 80 27.96 12.86 3.69
C LEU B 80 28.06 12.79 2.19
N GLY B 81 27.49 11.72 1.62
CA GLY B 81 27.42 11.51 0.21
C GLY B 81 26.57 12.55 -0.52
N VAL B 82 25.81 13.32 0.24
CA VAL B 82 24.85 14.24 -0.37
C VAL B 82 25.24 15.69 -0.13
N VAL B 83 26.23 15.95 0.73
CA VAL B 83 26.59 17.30 1.19
C VAL B 83 26.69 18.22 0.03
N GLU B 84 27.47 17.86 -0.96
CA GLU B 84 27.81 18.77 -2.01
C GLU B 84 26.54 19.12 -2.73
N LEU B 85 25.71 18.13 -3.05
CA LEU B 85 24.53 18.49 -3.78
C LEU B 85 23.56 19.27 -2.93
N THR B 86 23.45 18.97 -1.64
CA THR B 86 22.66 19.80 -0.77
C THR B 86 23.14 21.22 -0.83
N VAL B 87 24.45 21.40 -0.75
CA VAL B 87 25.07 22.69 -0.72
C VAL B 87 24.75 23.38 -2.01
N ALA B 88 24.83 22.68 -3.13
CA ALA B 88 24.68 23.27 -4.41
C ALA B 88 23.23 23.65 -4.59
N LEU B 89 22.34 22.76 -4.12
CA LEU B 89 20.95 23.06 -4.18
C LEU B 89 20.58 24.24 -3.32
N HIS B 90 21.12 24.38 -2.15
CA HIS B 90 20.79 25.53 -1.32
C HIS B 90 21.59 26.75 -1.71
N TYR B 91 22.65 26.56 -2.46
CA TYR B 91 23.33 27.66 -3.05
C TYR B 91 22.56 28.19 -4.25
N ILE B 92 21.94 27.27 -4.98
CA ILE B 92 21.31 27.62 -6.24
C ILE B 92 19.92 28.06 -5.99
N PHE B 93 19.20 27.18 -5.31
CA PHE B 93 17.79 27.29 -5.03
C PHE B 93 17.61 28.08 -3.77
N ASN B 94 16.42 28.64 -3.72
CA ASN B 94 16.01 29.68 -2.83
C ASN B 94 14.97 29.07 -1.95
N THR B 95 15.30 27.94 -1.32
CA THR B 95 14.45 27.40 -0.28
C THR B 95 14.24 28.41 0.81
N PRO B 96 13.09 28.34 1.51
CA PRO B 96 12.02 27.43 1.30
C PRO B 96 11.08 27.87 0.17
N GLN B 97 11.36 28.97 -0.51
CA GLN B 97 10.57 29.43 -1.66
C GLN B 97 10.58 28.35 -2.71
N ASP B 98 11.76 28.10 -3.27
CA ASP B 98 12.03 26.86 -4.00
C ASP B 98 11.87 25.68 -3.06
N LYS B 99 11.55 24.51 -3.59
CA LYS B 99 11.31 23.35 -2.78
C LYS B 99 12.35 22.32 -3.08
N ILE B 100 13.10 21.94 -2.07
CA ILE B 100 14.01 20.83 -2.12
C ILE B 100 13.47 19.80 -1.21
N LEU B 101 13.16 18.70 -1.89
CA LEU B 101 12.55 17.57 -1.29
C LEU B 101 13.66 16.55 -1.24
N TRP B 102 13.76 15.92 -0.09
CA TRP B 102 14.74 14.89 0.12
C TRP B 102 14.00 13.60 0.30
N ASP B 103 14.18 12.76 -0.72
CA ASP B 103 13.70 11.39 -0.67
C ASP B 103 14.34 10.76 0.52
N VAL B 104 13.47 10.21 1.37
CA VAL B 104 13.83 9.60 2.63
C VAL B 104 14.12 10.69 3.61
N GLY B 105 15.03 11.60 3.28
CA GLY B 105 15.43 12.71 4.15
C GLY B 105 16.61 12.33 5.03
N HIS B 106 17.07 11.09 4.92
CA HIS B 106 18.19 10.61 5.73
C HIS B 106 19.51 11.26 5.32
N GLN B 107 19.58 11.75 4.08
CA GLN B 107 20.80 12.30 3.50
C GLN B 107 20.80 13.82 3.62
N SER B 108 19.78 14.37 4.27
CA SER B 108 19.54 15.79 4.30
C SER B 108 20.12 16.41 5.56
N TYR B 109 21.05 15.76 6.21
CA TYR B 109 21.70 16.35 7.36
C TYR B 109 22.36 17.66 6.97
N PRO B 110 23.15 17.74 5.89
CA PRO B 110 23.67 19.01 5.45
C PRO B 110 22.53 19.96 5.12
N HIS B 111 21.39 19.41 4.66
CA HIS B 111 20.32 20.30 4.24
C HIS B 111 19.78 21.00 5.45
N LYS B 112 19.56 20.26 6.52
CA LYS B 112 19.13 20.80 7.77
C LYS B 112 20.14 21.74 8.35
N ILE B 113 21.41 21.34 8.33
CA ILE B 113 22.50 22.13 8.85
C ILE B 113 22.45 23.49 8.18
N LEU B 114 22.28 23.46 6.86
CA LEU B 114 22.28 24.65 6.06
C LEU B 114 20.95 25.41 6.08
N THR B 115 19.98 24.85 6.77
CA THR B 115 18.66 25.43 6.97
C THR B 115 18.40 25.55 8.45
N GLY B 116 19.40 26.04 9.19
CA GLY B 116 19.23 26.63 10.51
C GLY B 116 18.95 25.58 11.59
N ARG B 117 19.31 24.35 11.31
CA ARG B 117 19.13 23.21 12.20
C ARG B 117 20.43 22.51 12.50
N ARG B 118 21.53 23.18 12.18
CA ARG B 118 22.87 22.71 12.42
C ARG B 118 23.09 22.36 13.87
N GLY B 119 22.72 23.29 14.74
CA GLY B 119 22.88 23.14 16.17
C GLY B 119 21.80 22.29 16.79
N LYS B 120 20.89 21.78 15.97
CA LYS B 120 19.88 20.83 16.36
C LYS B 120 20.14 19.44 15.82
N MET B 121 21.09 19.32 14.91
CA MET B 121 21.68 18.04 14.55
C MET B 121 22.10 17.19 15.74
N PRO B 122 22.66 17.77 16.81
CA PRO B 122 22.96 17.08 18.04
C PRO B 122 21.82 16.30 18.62
N THR B 123 20.61 16.84 18.43
CA THR B 123 19.37 16.21 18.89
C THR B 123 18.53 15.69 17.78
N MET B 124 19.11 15.61 16.58
CA MET B 124 18.41 15.01 15.47
C MET B 124 18.06 13.57 15.79
N ARG B 125 16.83 13.26 15.43
CA ARG B 125 16.06 12.08 15.71
C ARG B 125 15.77 11.90 17.18
N GLN B 126 16.54 12.53 18.09
CA GLN B 126 16.27 12.45 19.50
C GLN B 126 14.88 12.98 19.77
N THR B 127 14.28 12.37 20.78
CA THR B 127 12.99 12.73 21.33
C THR B 127 13.03 14.20 21.63
N ASN B 128 12.05 14.88 21.02
CA ASN B 128 11.77 16.30 21.18
C ASN B 128 12.71 17.14 20.33
N GLY B 129 13.73 16.53 19.73
CA GLY B 129 14.65 17.13 18.80
C GLY B 129 14.05 17.15 17.40
N LEU B 130 14.88 17.46 16.40
CA LEU B 130 14.48 17.38 15.02
C LEU B 130 14.35 15.95 14.59
N SER B 131 13.64 15.75 13.49
CA SER B 131 13.58 14.50 12.82
C SER B 131 14.89 14.17 12.20
N GLY B 132 15.12 12.85 12.07
CA GLY B 132 16.23 12.32 11.36
C GLY B 132 15.99 12.36 9.83
N PHE B 133 14.87 12.98 9.42
CA PHE B 133 14.57 13.28 8.04
C PHE B 133 14.07 14.65 7.91
N THR B 134 14.04 15.16 6.68
CA THR B 134 13.18 16.24 6.34
C THR B 134 11.77 15.85 6.71
N LYS B 135 11.13 16.84 7.32
CA LYS B 135 9.88 16.78 8.02
C LYS B 135 9.29 18.11 7.83
N ARG B 136 8.18 18.15 7.13
CA ARG B 136 7.61 19.39 6.69
C ARG B 136 7.22 20.22 7.89
N GLY B 137 6.74 19.54 8.94
CA GLY B 137 6.40 20.21 10.19
C GLY B 137 7.62 20.80 10.91
N GLU B 138 8.83 20.32 10.60
CA GLU B 138 10.05 20.71 11.25
C GLU B 138 10.64 21.95 10.65
N SER B 139 10.54 22.04 9.32
CA SER B 139 11.21 23.13 8.60
C SER B 139 10.45 23.46 7.35
N GLU B 140 10.46 24.75 7.08
CA GLU B 140 10.04 25.31 5.82
C GLU B 140 10.91 24.79 4.72
N HIS B 141 12.17 24.47 5.04
CA HIS B 141 13.13 23.92 4.10
C HIS B 141 12.87 22.47 3.86
N ASP B 142 12.16 21.81 4.79
CA ASP B 142 11.68 20.47 4.56
C ASP B 142 10.40 20.60 3.77
N CYS B 143 10.53 20.32 2.49
CA CYS B 143 9.42 20.45 1.57
C CYS B 143 8.44 19.31 1.82
N PHE B 144 8.99 18.17 2.20
CA PHE B 144 8.22 16.98 2.39
C PHE B 144 8.67 16.31 3.66
N GLY B 145 7.69 15.65 4.29
CA GLY B 145 7.88 14.84 5.47
C GLY B 145 8.17 13.44 5.00
N THR B 146 9.46 13.19 4.78
CA THR B 146 9.94 11.90 4.34
C THR B 146 10.42 11.11 5.51
N GLY B 147 10.49 9.84 5.19
CA GLY B 147 11.24 8.83 5.90
C GLY B 147 11.23 7.71 4.90
N HIS B 148 10.08 7.07 4.72
CA HIS B 148 9.87 6.24 3.56
C HIS B 148 10.28 6.92 2.30
N SER B 149 10.80 6.06 1.43
CA SER B 149 11.59 6.49 0.30
C SER B 149 10.63 6.65 -0.83
N SER B 150 11.17 7.27 -1.85
CA SER B 150 10.76 7.24 -3.23
C SER B 150 9.60 8.18 -3.45
N THR B 151 9.22 8.88 -2.37
CA THR B 151 8.11 9.76 -2.28
C THR B 151 8.45 11.12 -2.88
N THR B 152 9.75 11.45 -2.98
CA THR B 152 10.18 12.80 -3.28
C THR B 152 9.74 13.19 -4.66
N ILE B 153 9.68 12.20 -5.54
CA ILE B 153 9.40 12.43 -6.94
C ILE B 153 7.96 12.77 -7.07
N SER B 154 7.15 12.00 -6.37
CA SER B 154 5.74 12.15 -6.43
C SER B 154 5.37 13.41 -5.72
N ALA B 155 5.97 13.64 -4.58
CA ALA B 155 5.76 14.78 -3.76
C ALA B 155 6.15 16.00 -4.54
N GLY B 156 7.33 15.99 -5.14
CA GLY B 156 7.85 17.07 -5.90
C GLY B 156 6.94 17.29 -7.11
N LEU B 157 6.39 16.22 -7.67
CA LEU B 157 5.48 16.38 -8.76
C LEU B 157 4.24 17.09 -8.28
N GLY B 158 3.78 16.72 -7.12
CA GLY B 158 2.64 17.30 -6.45
C GLY B 158 2.93 18.78 -6.27
N MET B 159 4.12 19.12 -5.78
CA MET B 159 4.46 20.49 -5.51
C MET B 159 4.54 21.29 -6.79
N ALA B 160 5.10 20.66 -7.80
CA ALA B 160 5.36 21.30 -9.05
C ALA B 160 4.03 21.63 -9.68
N VAL B 161 3.14 20.62 -9.73
CA VAL B 161 1.79 20.81 -10.24
C VAL B 161 1.15 21.86 -9.36
N GLY B 162 1.25 21.72 -8.06
CA GLY B 162 0.45 22.51 -7.17
C GLY B 162 0.87 23.98 -7.28
N ARG B 163 2.15 24.23 -7.55
CA ARG B 163 2.66 25.56 -7.82
C ARG B 163 2.00 26.05 -9.07
N ASP B 164 2.12 25.25 -10.16
CA ASP B 164 1.68 25.60 -11.49
C ASP B 164 0.20 25.91 -11.52
N LEU B 165 -0.58 25.18 -10.76
CA LEU B 165 -1.98 25.33 -10.57
C LEU B 165 -2.33 26.62 -9.94
N LYS B 166 -1.52 27.00 -8.98
CA LYS B 166 -1.66 28.26 -8.26
C LYS B 166 -0.98 29.39 -9.03
N GLY B 167 -0.44 29.06 -10.21
CA GLY B 167 0.19 30.04 -11.08
C GLY B 167 1.50 30.56 -10.50
N LYS B 168 1.96 29.89 -9.44
CA LYS B 168 3.19 30.16 -8.74
C LYS B 168 4.35 29.72 -9.60
N ASN B 169 5.54 30.12 -9.18
CA ASN B 169 6.74 29.93 -9.98
C ASN B 169 7.91 29.97 -9.04
N ASN B 170 8.03 28.89 -8.28
CA ASN B 170 9.22 28.55 -7.55
C ASN B 170 9.71 27.21 -8.07
N ASN B 171 10.99 26.94 -7.85
CA ASN B 171 11.49 25.66 -8.23
C ASN B 171 10.90 24.60 -7.33
N VAL B 172 10.87 23.41 -7.94
CA VAL B 172 10.83 22.17 -7.23
C VAL B 172 12.06 21.39 -7.61
N VAL B 173 12.61 20.79 -6.58
CA VAL B 173 13.73 19.92 -6.63
C VAL B 173 13.34 18.78 -5.72
N ALA B 174 13.62 17.60 -6.19
CA ALA B 174 13.72 16.43 -5.37
C ALA B 174 15.12 15.90 -5.47
N VAL B 175 15.55 15.25 -4.41
CA VAL B 175 16.77 14.48 -4.39
C VAL B 175 16.34 13.10 -3.96
N ILE B 176 16.42 12.21 -4.91
CA ILE B 176 16.15 10.83 -4.70
C ILE B 176 17.41 10.08 -4.84
N GLY B 177 17.60 9.12 -3.96
CA GLY B 177 18.76 8.23 -4.01
C GLY B 177 18.55 7.23 -5.14
N ASP B 178 19.63 6.59 -5.61
CA ASP B 178 19.49 5.47 -6.53
C ASP B 178 18.71 4.34 -5.91
N GLY B 179 18.86 4.15 -4.59
CA GLY B 179 18.09 3.16 -3.90
C GLY B 179 16.61 3.45 -3.94
N ALA B 180 16.25 4.72 -3.68
CA ALA B 180 14.86 5.13 -3.69
C ALA B 180 14.33 5.11 -5.10
N MET B 181 15.21 5.29 -6.08
CA MET B 181 14.79 5.23 -7.46
C MET B 181 14.30 3.85 -7.83
N THR B 182 14.82 2.81 -7.18
CA THR B 182 14.38 1.43 -7.49
C THR B 182 12.95 1.17 -7.18
N ALA B 183 12.36 1.97 -6.28
CA ALA B 183 10.97 1.84 -5.90
C ALA B 183 10.08 2.16 -7.05
N GLY B 184 8.97 1.50 -7.01
CA GLY B 184 7.92 1.62 -7.96
C GLY B 184 7.37 3.00 -7.88
N GLN B 185 7.14 3.53 -6.68
CA GLN B 185 6.46 4.80 -6.56
C GLN B 185 7.34 5.90 -7.11
N ALA B 186 8.66 5.68 -7.03
CA ALA B 186 9.60 6.57 -7.67
C ALA B 186 9.35 6.53 -9.17
N TYR B 187 9.41 5.32 -9.75
CA TYR B 187 9.37 5.15 -11.19
C TYR B 187 8.09 5.60 -11.79
N GLU B 188 6.96 5.27 -11.20
CA GLU B 188 5.68 5.74 -11.73
C GLU B 188 5.60 7.23 -11.54
N ALA B 189 6.19 7.74 -10.47
CA ALA B 189 6.10 9.17 -10.19
C ALA B 189 6.86 9.92 -11.25
N MET B 190 7.99 9.35 -11.69
CA MET B 190 8.79 9.90 -12.74
C MET B 190 8.06 9.80 -14.04
N ASN B 191 7.31 8.72 -14.22
CA ASN B 191 6.54 8.46 -15.42
C ASN B 191 5.55 9.56 -15.58
N ASN B 192 4.97 9.94 -14.47
CA ASN B 192 3.96 10.96 -14.47
C ASN B 192 4.60 12.34 -14.45
N ALA B 193 5.73 12.50 -13.77
CA ALA B 193 6.43 13.76 -13.67
C ALA B 193 6.83 14.19 -15.06
N GLY B 194 7.30 13.22 -15.79
CA GLY B 194 7.70 13.35 -17.15
C GLY B 194 6.52 13.21 -18.10
N TYR B 195 5.31 12.98 -17.60
CA TYR B 195 4.10 13.05 -18.39
C TYR B 195 3.41 14.38 -18.27
N LEU B 196 3.61 15.04 -17.13
CA LEU B 196 3.03 16.31 -16.80
C LEU B 196 3.95 17.45 -17.10
N ASP B 197 5.22 17.13 -17.25
CA ASP B 197 6.20 17.96 -17.88
C ASP B 197 6.38 19.27 -17.16
N SER B 198 6.32 19.24 -15.84
CA SER B 198 6.38 20.44 -15.02
C SER B 198 7.79 20.83 -14.64
N ASP B 199 7.91 22.03 -14.11
CA ASP B 199 9.11 22.47 -13.47
C ASP B 199 9.35 21.59 -12.28
N MET B 200 10.44 20.83 -12.36
CA MET B 200 11.00 20.13 -11.22
C MET B 200 12.29 19.47 -11.61
N ILE B 201 13.19 19.39 -10.65
CA ILE B 201 14.50 18.88 -10.83
C ILE B 201 14.53 17.71 -9.87
N VAL B 202 14.36 16.57 -10.46
CA VAL B 202 14.77 15.36 -9.78
C VAL B 202 16.25 15.38 -9.85
N ILE B 203 16.82 14.96 -8.76
CA ILE B 203 18.20 14.64 -8.68
C ILE B 203 18.19 13.20 -8.34
N LEU B 204 18.82 12.44 -9.19
CA LEU B 204 19.25 11.14 -8.82
C LEU B 204 20.60 11.24 -8.17
N ASN B 205 20.61 10.98 -6.88
CA ASN B 205 21.75 10.86 -6.05
C ASN B 205 22.16 9.44 -6.07
N ASP B 206 22.96 9.09 -7.09
CA ASP B 206 23.49 7.74 -7.28
C ASP B 206 24.83 7.71 -6.62
N ASN B 207 24.86 7.15 -5.40
CA ASN B 207 26.11 6.69 -4.84
C ASN B 207 26.29 5.22 -5.09
N LYS B 208 25.38 4.62 -5.84
CA LYS B 208 25.31 3.20 -6.07
C LYS B 208 25.19 2.55 -4.71
N GLN B 209 24.09 2.87 -4.05
CA GLN B 209 23.64 2.31 -2.79
C GLN B 209 22.16 2.30 -2.79
N VAL B 210 21.58 1.13 -2.58
CA VAL B 210 20.20 1.10 -2.13
C VAL B 210 20.30 1.43 -0.66
N SER B 211 19.67 2.55 -0.35
CA SER B 211 19.55 3.03 1.03
C SER B 211 18.09 3.19 1.33
N LEU B 212 17.69 2.48 2.35
CA LEU B 212 16.33 2.43 2.83
C LEU B 212 15.94 3.75 3.44
N PRO B 213 14.68 3.97 3.66
CA PRO B 213 14.19 4.80 4.70
C PRO B 213 14.71 4.39 6.08
N THR B 214 15.11 5.36 6.92
CA THR B 214 15.25 5.35 8.40
C THR B 214 15.78 6.73 8.77
N ALA B 215 15.66 7.11 10.06
CA ALA B 215 15.95 8.51 10.50
C ALA B 215 17.29 8.70 11.17
N THR B 216 17.84 7.70 11.79
CA THR B 216 19.24 7.70 12.15
C THR B 216 19.98 6.59 11.51
N LEU B 217 19.56 5.37 11.73
CA LEU B 217 20.34 4.23 11.28
C LEU B 217 19.59 3.67 10.17
N ASP B 218 20.19 3.86 8.99
CA ASP B 218 19.68 3.28 7.76
C ASP B 218 20.40 1.97 7.56
N LEU B 280 19.07 8.14 -20.19
CA LEU B 280 18.44 7.49 -19.09
C LEU B 280 17.12 8.17 -18.86
N PHE B 281 16.12 7.41 -18.50
CA PHE B 281 14.79 7.91 -18.27
C PHE B 281 14.16 8.50 -19.52
N GLU B 282 14.58 7.96 -20.68
CA GLU B 282 14.24 8.40 -22.01
C GLU B 282 12.76 8.43 -22.23
N GLU B 283 12.13 7.34 -21.84
CA GLU B 283 10.73 7.07 -21.94
C GLU B 283 10.00 7.81 -20.87
N LEU B 284 10.69 8.25 -19.81
CA LEU B 284 10.09 9.18 -18.86
C LEU B 284 9.97 10.54 -19.48
N GLY B 285 10.58 10.77 -20.65
CA GLY B 285 10.42 12.02 -21.36
C GLY B 285 10.99 13.21 -20.58
N LEU B 286 11.78 12.89 -19.55
CA LEU B 286 12.45 13.81 -18.66
C LEU B 286 13.78 14.10 -19.31
N TYR B 287 14.18 15.37 -19.14
CA TYR B 287 15.54 15.75 -19.32
C TYR B 287 16.33 14.91 -18.39
N TYR B 288 17.49 14.56 -18.91
CA TYR B 288 18.41 13.80 -18.12
C TYR B 288 19.74 14.45 -18.31
N ILE B 289 20.35 14.65 -17.15
CA ILE B 289 21.62 15.28 -17.03
C ILE B 289 22.40 14.45 -16.08
N GLY B 290 23.31 13.73 -16.66
CA GLY B 290 24.37 13.14 -15.93
C GLY B 290 24.79 11.84 -16.60
N PRO B 291 25.30 10.92 -15.78
CA PRO B 291 25.66 11.14 -14.38
C PRO B 291 26.65 12.31 -14.30
N VAL B 292 26.79 12.95 -13.13
CA VAL B 292 27.77 14.01 -12.95
C VAL B 292 28.50 13.76 -11.65
N ASP B 293 29.54 14.51 -11.38
CA ASP B 293 30.12 14.49 -10.05
C ASP B 293 29.16 15.19 -9.12
N GLY B 294 28.56 14.31 -8.30
CA GLY B 294 27.75 14.70 -7.16
C GLY B 294 28.54 15.21 -5.98
N HIS B 295 29.86 15.39 -6.18
CA HIS B 295 30.70 16.04 -5.23
C HIS B 295 31.47 17.21 -5.79
N ASN B 296 31.39 17.43 -7.09
CA ASN B 296 31.86 18.70 -7.65
C ASN B 296 30.79 19.70 -7.43
N ILE B 297 30.85 20.33 -6.28
CA ILE B 297 29.84 21.23 -5.81
C ILE B 297 29.61 22.39 -6.73
N ASP B 298 30.71 22.98 -7.18
CA ASP B 298 30.64 24.09 -8.06
C ASP B 298 29.96 23.62 -9.34
N ASP B 299 30.22 22.39 -9.81
CA ASP B 299 29.60 21.89 -11.00
C ASP B 299 28.14 21.63 -10.76
N LEU B 300 27.80 21.10 -9.59
CA LEU B 300 26.40 20.87 -9.26
C LEU B 300 25.72 22.18 -9.20
N VAL B 301 26.32 23.21 -8.59
CA VAL B 301 25.79 24.56 -8.59
C VAL B 301 25.55 25.02 -10.02
N ALA B 302 26.53 24.82 -10.89
CA ALA B 302 26.47 25.29 -12.25
C ALA B 302 25.33 24.58 -12.98
N ILE B 303 25.23 23.28 -12.83
CA ILE B 303 24.19 22.45 -13.43
C ILE B 303 22.88 22.97 -12.92
N LEU B 304 22.74 23.01 -11.59
CA LEU B 304 21.50 23.33 -10.94
C LEU B 304 20.98 24.69 -11.31
N LYS B 305 21.91 25.62 -11.55
CA LYS B 305 21.55 26.93 -12.03
C LYS B 305 20.91 26.82 -13.37
N GLU B 306 21.45 25.94 -14.22
CA GLU B 306 21.18 25.87 -15.61
C GLU B 306 20.11 24.85 -16.01
N VAL B 307 19.60 24.14 -15.01
CA VAL B 307 18.59 23.11 -15.20
C VAL B 307 17.29 23.49 -14.59
N LYS B 308 17.35 24.19 -13.49
CA LYS B 308 16.17 24.43 -12.71
C LYS B 308 15.19 25.33 -13.39
N SER B 309 15.66 26.11 -14.33
CA SER B 309 14.91 27.12 -15.06
C SER B 309 14.71 26.69 -16.50
N THR B 310 15.12 25.47 -16.87
CA THR B 310 14.80 24.84 -18.18
C THR B 310 13.33 24.51 -18.26
N ARG B 311 12.68 24.69 -17.11
CA ARG B 311 11.50 24.08 -16.58
C ARG B 311 10.25 24.26 -17.39
N THR B 312 10.35 25.15 -18.33
CA THR B 312 9.35 25.45 -19.33
C THR B 312 9.21 24.31 -20.32
N THR B 313 10.19 23.42 -20.31
CA THR B 313 10.23 22.23 -21.13
C THR B 313 9.93 21.00 -20.30
N GLY B 314 9.83 21.15 -18.98
CA GLY B 314 9.52 20.07 -18.07
C GLY B 314 10.72 19.59 -17.30
N PRO B 315 10.58 18.46 -16.57
CA PRO B 315 11.46 18.16 -15.50
C PRO B 315 12.77 17.60 -15.95
N VAL B 316 13.71 17.67 -15.03
CA VAL B 316 15.03 17.20 -15.26
C VAL B 316 15.39 16.23 -14.18
N LEU B 317 15.97 15.12 -14.58
CA LEU B 317 16.70 14.28 -13.68
C LEU B 317 18.12 14.66 -13.85
N ILE B 318 18.70 15.11 -12.73
CA ILE B 318 20.11 15.35 -12.62
C ILE B 318 20.64 14.17 -11.87
N HIS B 319 21.28 13.33 -12.62
CA HIS B 319 21.99 12.22 -12.12
C HIS B 319 23.29 12.74 -11.70
N VAL B 320 23.48 12.73 -10.41
CA VAL B 320 24.75 12.92 -9.81
C VAL B 320 25.26 11.60 -9.34
N VAL B 321 26.57 11.58 -9.16
CA VAL B 321 27.28 10.47 -8.68
C VAL B 321 28.05 10.84 -7.47
N THR B 322 27.63 10.22 -6.39
CA THR B 322 28.25 10.44 -5.14
C THR B 322 28.94 9.19 -4.66
N GLU B 323 29.65 9.44 -3.56
CA GLU B 323 30.32 8.50 -2.76
C GLU B 323 29.56 8.61 -1.49
N LYS B 324 28.93 7.51 -1.13
CA LYS B 324 28.30 7.38 0.15
C LYS B 324 29.39 7.42 1.16
N GLY B 325 29.21 8.28 2.15
CA GLY B 325 30.21 8.52 3.17
C GLY B 325 31.24 9.55 2.80
N ARG B 326 31.06 10.22 1.63
CA ARG B 326 32.03 11.16 1.04
C ARG B 326 32.56 12.07 2.09
N GLY B 327 33.87 12.21 2.09
CA GLY B 327 34.69 13.03 2.94
C GLY B 327 34.86 12.46 4.34
N TYR B 328 34.39 11.22 4.55
CA TYR B 328 34.75 10.40 5.68
C TYR B 328 35.26 9.14 5.12
N PRO B 329 36.60 8.97 5.03
CA PRO B 329 37.23 7.91 4.30
C PRO B 329 36.69 6.56 4.65
N TYR B 330 36.39 6.34 5.94
CA TYR B 330 35.95 5.07 6.41
C TYR B 330 34.55 4.79 5.88
N ALA B 331 33.72 5.83 5.84
CA ALA B 331 32.37 5.74 5.33
C ALA B 331 32.39 5.53 3.84
N GLU B 332 33.34 6.15 3.16
CA GLU B 332 33.56 5.93 1.73
C GLU B 332 33.94 4.48 1.48
N ARG B 333 34.75 3.93 2.38
CA ARG B 333 35.30 2.60 2.27
C ARG B 333 34.28 1.55 2.66
N ALA B 334 33.27 1.92 3.47
CA ALA B 334 32.35 0.96 4.07
C ALA B 334 31.00 1.59 4.28
N ASP B 335 30.47 2.17 3.20
CA ASP B 335 29.26 2.91 3.24
C ASP B 335 28.15 2.14 3.89
N ASP B 336 28.06 0.84 3.68
CA ASP B 336 26.97 0.06 4.22
C ASP B 336 26.90 0.18 5.73
N LYS B 337 28.08 0.00 6.39
CA LYS B 337 28.24 0.18 7.78
C LYS B 337 27.97 1.61 8.14
N TYR B 338 28.69 2.49 7.48
CA TYR B 338 28.87 3.83 8.00
C TYR B 338 27.65 4.68 7.80
N HIS B 339 26.80 4.22 6.94
CA HIS B 339 25.58 4.83 6.58
C HIS B 339 24.71 5.05 7.78
N GLY B 340 24.72 4.11 8.71
CA GLY B 340 24.01 4.19 9.95
C GLY B 340 24.96 3.87 11.09
N VAL B 341 26.20 4.41 11.01
CA VAL B 341 27.28 4.17 11.95
C VAL B 341 26.76 4.50 13.33
N VAL B 342 27.29 3.69 14.25
CA VAL B 342 27.08 3.83 15.68
C VAL B 342 27.94 5.00 16.13
N LYS B 343 28.29 5.07 17.42
CA LYS B 343 29.15 6.11 17.96
C LYS B 343 30.47 5.74 17.41
N PHE B 344 31.05 6.67 16.66
CA PHE B 344 32.37 6.46 16.09
C PHE B 344 33.27 7.59 16.44
N ASP B 345 34.56 7.27 16.36
CA ASP B 345 35.62 8.23 16.46
C ASP B 345 35.86 8.74 15.07
N PRO B 346 35.56 10.00 14.78
CA PRO B 346 35.91 10.65 13.56
C PRO B 346 37.41 10.57 13.25
N ALA B 347 38.27 10.32 14.24
CA ALA B 347 39.70 10.29 14.04
C ALA B 347 40.14 8.97 13.46
N THR B 348 39.37 7.90 13.68
CA THR B 348 39.82 6.53 13.45
C THR B 348 38.83 5.71 12.66
N GLY B 349 37.62 6.22 12.47
CA GLY B 349 36.51 5.44 11.90
C GLY B 349 35.91 4.50 12.94
N ARG B 350 36.66 4.16 13.99
CA ARG B 350 36.29 3.09 14.87
C ARG B 350 34.99 3.45 15.56
N GLN B 351 34.08 2.51 15.55
CA GLN B 351 32.74 2.68 16.06
C GLN B 351 32.40 1.58 17.02
N PHE B 352 31.36 1.86 17.79
CA PHE B 352 30.79 0.93 18.72
C PHE B 352 30.06 -0.09 17.91
N LYS B 353 30.36 -1.35 18.15
CA LYS B 353 29.84 -2.44 17.34
C LYS B 353 28.49 -2.90 17.84
N THR B 354 27.52 -1.97 17.89
CA THR B 354 26.18 -2.23 18.45
C THR B 354 25.67 -3.59 17.99
N THR B 355 25.82 -3.86 16.69
CA THR B 355 25.28 -5.07 16.07
C THR B 355 25.76 -6.31 16.81
N ASN B 356 27.06 -6.35 17.08
CA ASN B 356 27.71 -7.46 17.70
C ASN B 356 27.57 -7.42 19.19
N LYS B 357 27.41 -6.20 19.72
CA LYS B 357 27.21 -5.92 21.13
C LYS B 357 25.82 -6.29 21.56
N THR B 358 24.94 -6.54 20.59
CA THR B 358 23.60 -7.03 20.77
C THR B 358 23.40 -8.25 19.91
N GLN B 359 22.16 -8.63 19.89
CA GLN B 359 21.57 -9.59 18.98
C GLN B 359 20.15 -9.14 18.77
N SER B 360 19.81 -8.90 17.51
CA SER B 360 18.59 -8.26 17.15
C SER B 360 17.55 -9.28 16.75
N TYR B 361 16.33 -8.77 16.73
CA TYR B 361 15.27 -9.53 16.05
C TYR B 361 15.53 -9.73 14.60
N THR B 362 16.35 -8.86 13.98
CA THR B 362 16.84 -9.02 12.63
C THR B 362 17.69 -10.26 12.58
N THR B 363 18.60 -10.32 13.57
CA THR B 363 19.59 -11.37 13.65
C THR B 363 18.88 -12.68 13.85
N TYR B 364 17.85 -12.69 14.69
CA TYR B 364 17.12 -13.87 15.05
C TYR B 364 16.32 -14.37 13.91
N PHE B 365 15.66 -13.45 13.20
CA PHE B 365 14.94 -13.81 12.04
C PHE B 365 15.87 -14.34 11.02
N ALA B 366 17.02 -13.67 10.88
CA ALA B 366 18.02 -13.99 9.91
C ALA B 366 18.58 -15.38 10.23
N GLU B 367 18.83 -15.66 11.51
CA GLU B 367 19.44 -16.86 11.95
C GLU B 367 18.46 -18.00 11.81
N ALA B 368 17.21 -17.71 12.14
CA ALA B 368 16.15 -18.66 12.03
C ALA B 368 15.96 -18.98 10.56
N LEU B 369 16.07 -17.98 9.70
CA LEU B 369 15.75 -18.12 8.31
C LEU B 369 16.86 -18.80 7.58
N VAL B 370 18.08 -18.41 7.92
CA VAL B 370 19.25 -19.02 7.33
C VAL B 370 19.32 -20.46 7.83
N ALA B 371 18.80 -20.71 9.02
CA ALA B 371 18.69 -22.07 9.52
C ALA B 371 17.62 -22.86 8.73
N GLU B 372 16.49 -22.19 8.45
CA GLU B 372 15.31 -22.81 7.87
C GLU B 372 15.57 -23.23 6.44
N ALA B 373 16.19 -22.33 5.69
CA ALA B 373 16.40 -22.50 4.26
C ALA B 373 17.40 -23.62 3.99
N GLU B 374 18.16 -24.01 5.02
CA GLU B 374 19.13 -25.08 4.91
C GLU B 374 18.42 -26.36 4.63
N VAL B 375 17.32 -26.50 5.32
CA VAL B 375 16.49 -27.66 5.27
C VAL B 375 15.34 -27.46 4.34
N ASP B 376 15.10 -26.26 3.85
CA ASP B 376 13.97 -25.94 2.99
C ASP B 376 14.45 -25.21 1.76
N LYS B 377 14.42 -25.92 0.63
CA LYS B 377 14.76 -25.37 -0.68
C LYS B 377 13.64 -24.58 -1.32
N ASP B 378 12.42 -24.67 -0.78
CA ASP B 378 11.38 -23.76 -1.20
C ASP B 378 11.54 -22.42 -0.52
N VAL B 379 12.19 -22.38 0.63
CA VAL B 379 12.44 -21.13 1.30
C VAL B 379 13.31 -20.28 0.43
N VAL B 380 12.81 -19.06 0.34
CA VAL B 380 13.38 -17.96 -0.38
C VAL B 380 13.07 -16.76 0.45
N ALA B 381 14.11 -15.98 0.76
CA ALA B 381 13.98 -14.74 1.46
C ALA B 381 14.03 -13.65 0.42
N ILE B 382 13.26 -12.61 0.69
CA ILE B 382 13.12 -11.47 -0.13
C ILE B 382 13.14 -10.29 0.79
N HIS B 383 14.04 -9.37 0.52
CA HIS B 383 14.01 -8.12 1.20
C HIS B 383 13.88 -7.06 0.17
N ALA B 384 13.12 -6.04 0.55
CA ALA B 384 13.17 -4.77 -0.11
C ALA B 384 14.27 -4.02 0.61
N ALA B 385 15.44 -4.05 -0.03
CA ALA B 385 16.56 -3.14 0.26
C ALA B 385 17.28 -3.42 1.53
N MET B 386 16.93 -4.49 2.23
CA MET B 386 17.24 -4.66 3.63
C MET B 386 17.78 -5.97 3.99
N GLY B 387 18.65 -6.45 3.10
CA GLY B 387 19.49 -7.59 3.42
C GLY B 387 20.19 -7.30 4.74
N GLY B 388 20.63 -6.04 4.98
CA GLY B 388 21.37 -5.69 6.18
C GLY B 388 20.46 -5.61 7.39
N GLY B 389 19.37 -4.87 7.26
CA GLY B 389 18.66 -4.42 8.42
C GLY B 389 17.55 -5.39 8.82
N THR B 390 17.11 -6.28 7.94
CA THR B 390 16.35 -7.44 8.34
C THR B 390 17.33 -8.55 8.71
N GLY B 391 18.66 -8.32 8.65
CA GLY B 391 19.64 -9.24 9.22
C GLY B 391 20.14 -10.29 8.20
N LEU B 392 19.49 -10.37 7.05
CA LEU B 392 19.67 -11.37 6.03
C LEU B 392 21.00 -11.36 5.31
N ASN B 393 22.00 -10.60 5.77
CA ASN B 393 23.31 -10.59 5.16
C ASN B 393 23.89 -11.99 5.10
N LEU B 394 23.82 -12.70 6.20
CA LEU B 394 24.26 -14.10 6.33
C LEU B 394 23.39 -15.00 5.51
N PHE B 395 22.11 -14.66 5.38
CA PHE B 395 21.17 -15.44 4.62
C PHE B 395 21.47 -15.33 3.15
N GLN B 396 21.80 -14.12 2.76
CA GLN B 396 22.09 -13.75 1.40
C GLN B 396 23.38 -14.43 1.03
N ARG B 397 24.31 -14.54 1.96
CA ARG B 397 25.59 -15.20 1.77
C ARG B 397 25.38 -16.69 1.63
N ARG B 398 24.48 -17.24 2.47
CA ARG B 398 24.32 -18.68 2.61
C ARG B 398 23.38 -19.23 1.59
N PHE B 399 22.36 -18.46 1.27
CA PHE B 399 21.32 -18.77 0.34
C PHE B 399 21.21 -17.62 -0.62
N PRO B 400 22.25 -17.32 -1.40
CA PRO B 400 22.20 -16.33 -2.42
C PRO B 400 21.23 -16.68 -3.55
N THR B 401 21.04 -17.98 -3.75
CA THR B 401 20.10 -18.54 -4.70
C THR B 401 18.70 -18.48 -4.14
N ARG B 402 18.49 -17.95 -2.95
CA ARG B 402 17.18 -17.82 -2.35
C ARG B 402 17.00 -16.47 -1.75
N CYS B 403 17.88 -15.52 -2.06
CA CYS B 403 17.81 -14.21 -1.50
C CYS B 403 17.56 -13.23 -2.62
N PHE B 404 16.64 -12.30 -2.34
CA PHE B 404 16.17 -11.36 -3.32
C PHE B 404 16.04 -9.97 -2.74
N ASP B 405 17.05 -9.16 -2.98
CA ASP B 405 16.91 -7.74 -2.75
C ASP B 405 16.13 -7.21 -3.94
N VAL B 406 14.97 -6.61 -3.67
CA VAL B 406 14.17 -5.94 -4.67
C VAL B 406 14.45 -4.48 -4.83
N GLY B 407 15.43 -4.01 -4.06
CA GLY B 407 15.68 -2.61 -3.80
C GLY B 407 14.47 -2.18 -2.98
N ILE B 408 14.21 -0.88 -2.94
CA ILE B 408 13.24 -0.32 -2.02
C ILE B 408 11.84 -0.40 -2.61
N ALA B 409 11.41 -1.61 -2.85
CA ALA B 409 10.26 -2.00 -3.65
C ALA B 409 9.56 -3.09 -2.89
N GLU B 410 9.02 -2.74 -1.75
CA GLU B 410 8.35 -3.67 -0.85
C GLU B 410 7.22 -4.33 -1.57
N GLN B 411 6.48 -3.58 -2.37
CA GLN B 411 5.44 -4.07 -3.22
C GLN B 411 5.98 -5.17 -4.07
N HIS B 412 7.12 -4.90 -4.70
CA HIS B 412 7.77 -5.87 -5.50
C HIS B 412 8.09 -7.09 -4.70
N ALA B 413 8.67 -6.88 -3.51
CA ALA B 413 9.15 -7.97 -2.69
C ALA B 413 7.99 -8.91 -2.43
N VAL B 414 6.80 -8.40 -2.19
CA VAL B 414 5.65 -9.13 -1.72
C VAL B 414 4.97 -9.84 -2.87
N THR B 415 4.86 -9.16 -4.00
CA THR B 415 4.24 -9.77 -5.17
C THR B 415 5.17 -10.70 -5.85
N PHE B 416 6.46 -10.54 -5.59
CA PHE B 416 7.47 -11.44 -6.08
C PHE B 416 7.45 -12.64 -5.23
N ALA B 417 7.32 -12.46 -3.90
CA ALA B 417 6.99 -13.57 -3.03
C ALA B 417 5.66 -14.16 -3.48
N ALA B 418 4.70 -13.40 -3.94
CA ALA B 418 3.44 -14.00 -4.37
C ALA B 418 3.73 -14.93 -5.53
N GLY B 419 4.58 -14.50 -6.46
CA GLY B 419 4.92 -15.27 -7.63
C GLY B 419 5.75 -16.50 -7.28
N LEU B 420 6.68 -16.37 -6.32
CA LEU B 420 7.47 -17.46 -5.83
C LEU B 420 6.54 -18.49 -5.20
N ALA B 421 5.65 -18.01 -4.34
CA ALA B 421 4.70 -18.78 -3.56
C ALA B 421 3.70 -19.48 -4.47
N CYS B 422 3.35 -18.83 -5.58
CA CYS B 422 2.49 -19.35 -6.60
C CYS B 422 3.14 -20.52 -7.26
N GLU B 423 4.48 -20.50 -7.39
CA GLU B 423 5.22 -21.62 -7.90
C GLU B 423 5.64 -22.57 -6.82
N GLY B 424 5.00 -22.43 -5.66
CA GLY B 424 5.06 -23.42 -4.61
C GLY B 424 6.31 -23.20 -3.74
N LEU B 425 7.02 -22.08 -3.88
CA LEU B 425 8.04 -21.70 -2.92
C LEU B 425 7.36 -21.32 -1.64
N LYS B 426 8.23 -21.06 -0.69
CA LYS B 426 7.94 -20.62 0.63
C LYS B 426 8.68 -19.33 0.82
N PRO B 427 8.27 -18.28 0.11
CA PRO B 427 8.92 -17.04 0.13
C PRO B 427 8.57 -16.25 1.36
N PHE B 428 9.58 -15.58 1.85
CA PHE B 428 9.53 -14.88 3.09
C PHE B 428 10.01 -13.51 2.80
N CYS B 429 9.11 -12.55 2.96
CA CYS B 429 9.38 -11.19 2.73
C CYS B 429 9.85 -10.66 4.08
N ALA B 430 11.15 -10.44 4.17
CA ALA B 430 11.79 -9.67 5.19
C ALA B 430 11.71 -8.22 4.82
N ILE B 431 11.23 -7.43 5.76
CA ILE B 431 10.76 -6.12 5.54
C ILE B 431 10.42 -5.60 6.89
N TYR B 432 10.32 -4.30 6.97
CA TYR B 432 9.93 -3.70 8.22
C TYR B 432 8.46 -3.46 8.17
N SER B 433 7.84 -3.33 9.31
CA SER B 433 6.41 -3.18 9.38
C SER B 433 6.01 -1.84 8.73
N SER B 434 6.87 -0.82 8.94
CA SER B 434 6.65 0.46 8.32
C SER B 434 6.67 0.30 6.83
N PHE B 435 7.59 -0.49 6.27
CA PHE B 435 7.68 -0.64 4.84
C PHE B 435 6.70 -1.64 4.30
N MET B 436 6.17 -2.46 5.17
CA MET B 436 5.16 -3.41 4.72
C MET B 436 3.93 -2.67 4.26
N GLN B 437 3.68 -1.50 4.81
CA GLN B 437 2.61 -0.60 4.42
C GLN B 437 2.74 -0.32 2.94
N ARG B 438 3.97 -0.19 2.41
CA ARG B 438 4.19 0.00 0.97
C ARG B 438 3.62 -1.17 0.23
N ALA B 439 3.99 -2.36 0.71
CA ALA B 439 3.52 -3.60 0.12
C ALA B 439 2.10 -3.98 0.52
N TYR B 440 1.38 -3.06 1.18
CA TYR B 440 0.10 -3.40 1.79
C TYR B 440 -0.75 -4.11 0.79
N ASP B 441 -1.04 -3.44 -0.31
CA ASP B 441 -1.87 -4.01 -1.32
C ASP B 441 -1.35 -5.30 -1.83
N GLN B 442 -0.03 -5.41 -2.01
CA GLN B 442 0.59 -6.59 -2.53
C GLN B 442 0.37 -7.73 -1.56
N VAL B 443 0.31 -7.47 -0.27
CA VAL B 443 -0.08 -8.47 0.65
C VAL B 443 -1.53 -8.78 0.36
N VAL B 444 -2.42 -7.80 0.40
CA VAL B 444 -3.83 -8.02 0.32
C VAL B 444 -4.22 -8.78 -0.93
N HIS B 445 -3.79 -8.27 -2.05
CA HIS B 445 -4.17 -8.62 -3.39
C HIS B 445 -3.25 -9.69 -3.89
N ASP B 446 -1.94 -9.42 -3.93
CA ASP B 446 -0.98 -10.30 -4.57
C ASP B 446 -0.80 -11.56 -3.82
N VAL B 447 -0.94 -11.54 -2.49
CA VAL B 447 -0.68 -12.68 -1.65
C VAL B 447 -1.97 -13.26 -1.14
N ASP B 448 -2.74 -12.48 -0.41
CA ASP B 448 -3.64 -13.02 0.55
C ASP B 448 -4.87 -13.54 -0.13
N LEU B 449 -5.26 -12.92 -1.26
CA LEU B 449 -6.41 -13.36 -2.05
C LEU B 449 -6.29 -14.80 -2.43
N GLN B 450 -5.09 -15.20 -2.86
CA GLN B 450 -4.81 -16.56 -3.22
C GLN B 450 -4.20 -17.30 -2.04
N LYS B 451 -4.12 -16.63 -0.90
CA LYS B 451 -3.69 -17.19 0.37
C LYS B 451 -2.33 -17.80 0.15
N LEU B 452 -1.45 -17.02 -0.46
CA LEU B 452 -0.24 -17.56 -0.96
C LEU B 452 0.69 -17.80 0.17
N PRO B 453 1.54 -18.81 0.02
CA PRO B 453 2.64 -19.11 0.90
C PRO B 453 3.70 -18.00 1.04
N VAL B 454 3.28 -16.72 1.06
CA VAL B 454 4.18 -15.65 1.43
C VAL B 454 4.14 -15.53 2.91
N ARG B 455 5.33 -15.68 3.49
CA ARG B 455 5.60 -15.37 4.85
C ARG B 455 6.10 -13.95 4.82
N PHE B 456 5.89 -13.28 5.92
CA PHE B 456 6.38 -11.96 6.10
C PHE B 456 7.05 -11.95 7.43
N ALA B 457 8.34 -11.70 7.40
CA ALA B 457 9.13 -11.50 8.56
C ALA B 457 9.27 -9.99 8.62
N MET B 458 8.77 -9.49 9.73
CA MET B 458 8.42 -8.11 9.86
C MET B 458 9.17 -7.50 11.01
N ASP B 459 10.23 -6.84 10.63
CA ASP B 459 11.10 -6.10 11.50
C ASP B 459 10.47 -4.78 11.84
N ARG B 460 11.06 -4.05 12.77
CA ARG B 460 10.70 -2.68 13.06
C ARG B 460 9.20 -2.56 13.34
N ALA B 461 8.62 -3.66 13.78
CA ALA B 461 7.24 -3.74 14.06
C ALA B 461 7.06 -2.94 15.35
N GLY B 462 5.95 -2.21 15.39
CA GLY B 462 5.71 -1.19 16.35
C GLY B 462 6.72 -0.05 16.25
N LEU B 463 6.98 0.57 17.41
CA LEU B 463 7.78 1.76 17.47
C LEU B 463 9.23 1.41 17.33
N VAL B 464 9.76 1.98 16.29
CA VAL B 464 11.17 1.92 15.98
C VAL B 464 11.93 3.00 16.75
N GLY B 465 11.18 3.94 17.32
CA GLY B 465 11.82 4.96 18.13
C GLY B 465 12.35 5.98 17.17
N ALA B 466 13.64 5.88 16.94
CA ALA B 466 14.45 6.90 16.33
C ALA B 466 13.97 7.21 14.95
N ASP B 467 13.50 6.18 14.25
CA ASP B 467 13.03 6.39 12.90
C ASP B 467 11.67 7.07 12.83
N GLY B 468 11.06 7.32 14.00
CA GLY B 468 9.99 8.24 14.13
C GLY B 468 8.77 7.73 13.40
N PRO B 469 7.92 8.65 12.95
CA PRO B 469 6.55 8.36 12.58
C PRO B 469 6.49 7.81 11.18
N THR B 470 7.47 8.21 10.36
CA THR B 470 7.65 7.65 9.06
C THR B 470 7.99 6.17 9.12
N HIS B 471 8.40 5.67 10.29
CA HIS B 471 9.01 4.34 10.35
C HIS B 471 8.50 3.49 11.49
N CYS B 472 7.69 4.10 12.35
CA CYS B 472 6.95 3.33 13.35
C CYS B 472 6.02 2.40 12.58
N GLY B 473 6.32 1.14 12.71
CA GLY B 473 5.67 0.00 12.10
C GLY B 473 4.50 -0.43 13.02
N ALA B 474 3.73 0.52 13.57
CA ALA B 474 2.66 0.19 14.49
C ALA B 474 1.38 -0.21 13.81
N PHE B 475 1.37 -0.29 12.49
CA PHE B 475 0.13 -0.36 11.78
C PHE B 475 -0.08 -1.69 11.17
N ASP B 476 0.93 -2.54 11.07
CA ASP B 476 0.79 -3.85 10.45
C ASP B 476 -0.21 -4.72 11.19
N VAL B 477 -0.21 -4.65 12.52
CA VAL B 477 -1.14 -5.37 13.33
C VAL B 477 -2.56 -4.93 13.02
N THR B 478 -2.74 -3.78 12.39
CA THR B 478 -4.02 -3.35 11.97
C THR B 478 -4.21 -3.81 10.56
N PHE B 479 -3.35 -3.35 9.67
CA PHE B 479 -3.61 -3.34 8.27
C PHE B 479 -3.47 -4.77 7.75
N MET B 480 -2.47 -5.51 8.20
CA MET B 480 -2.30 -6.93 7.86
C MET B 480 -3.45 -7.73 8.42
N ALA B 481 -3.92 -7.31 9.59
CA ALA B 481 -4.88 -8.08 10.33
C ALA B 481 -6.29 -7.95 9.80
N CYS B 482 -6.48 -6.98 8.89
CA CYS B 482 -7.77 -6.85 8.24
C CYS B 482 -7.80 -7.62 6.95
N LEU B 483 -6.68 -8.27 6.62
CA LEU B 483 -6.56 -8.97 5.34
C LEU B 483 -6.91 -10.40 5.59
N PRO B 484 -7.98 -10.88 4.96
CA PRO B 484 -8.34 -12.25 5.01
C PRO B 484 -7.14 -13.10 4.73
N ASN B 485 -6.97 -14.07 5.62
CA ASN B 485 -6.00 -15.13 5.53
C ASN B 485 -4.56 -14.71 5.78
N MET B 486 -4.37 -13.41 6.07
CA MET B 486 -3.10 -13.02 6.61
C MET B 486 -3.17 -13.41 8.05
N ILE B 487 -2.42 -14.45 8.32
CA ILE B 487 -2.13 -14.78 9.69
C ILE B 487 -1.11 -13.75 10.14
N VAL B 488 -1.24 -13.32 11.37
CA VAL B 488 -0.32 -12.37 11.98
C VAL B 488 0.09 -12.90 13.33
N MET B 489 1.39 -12.83 13.54
CA MET B 489 2.10 -13.28 14.70
C MET B 489 2.94 -12.15 15.19
N ALA B 490 3.30 -12.33 16.44
CA ALA B 490 4.37 -11.60 17.03
C ALA B 490 5.10 -12.55 17.97
N PRO B 491 6.34 -12.92 17.64
CA PRO B 491 7.10 -13.74 18.52
C PRO B 491 7.53 -12.94 19.73
N SER B 492 7.56 -13.61 20.89
CA SER B 492 8.03 -13.02 22.12
C SER B 492 9.55 -13.05 22.19
N ASP B 493 10.13 -13.92 21.38
CA ASP B 493 11.58 -14.17 21.32
C ASP B 493 11.94 -14.89 20.04
N GLU B 494 13.22 -15.21 19.90
CA GLU B 494 13.69 -15.88 18.74
C GLU B 494 13.13 -17.27 18.65
N ALA B 495 12.87 -17.92 19.77
CA ALA B 495 12.34 -19.27 19.77
C ALA B 495 10.98 -19.18 19.10
N ASP B 496 10.06 -18.36 19.64
CA ASP B 496 8.75 -18.13 19.06
C ASP B 496 8.88 -17.66 17.66
N LEU B 497 9.87 -16.85 17.34
CA LEU B 497 10.03 -16.35 16.00
C LEU B 497 10.39 -17.48 15.07
N PHE B 498 11.26 -18.34 15.51
CA PHE B 498 11.61 -19.48 14.73
C PHE B 498 10.40 -20.35 14.52
N ASN B 499 9.66 -20.63 15.59
CA ASN B 499 8.52 -21.51 15.59
C ASN B 499 7.52 -21.04 14.59
N MET B 500 7.31 -19.74 14.64
CA MET B 500 6.50 -18.95 13.78
C MET B 500 6.97 -19.03 12.34
N VAL B 501 8.28 -18.86 12.13
CA VAL B 501 8.87 -19.02 10.82
C VAL B 501 8.54 -20.43 10.31
N ALA B 502 8.73 -21.40 11.20
CA ALA B 502 8.72 -22.82 10.94
C ALA B 502 7.31 -23.34 10.69
N THR B 503 6.34 -22.70 11.29
CA THR B 503 4.94 -22.95 10.99
C THR B 503 4.61 -22.37 9.67
N ALA B 504 4.96 -21.13 9.41
CA ALA B 504 4.51 -20.46 8.18
C ALA B 504 5.06 -21.10 6.92
N VAL B 505 6.32 -21.57 7.02
CA VAL B 505 6.96 -22.30 5.96
C VAL B 505 6.24 -23.64 5.74
N ALA B 506 5.74 -24.21 6.84
CA ALA B 506 5.13 -25.51 6.82
C ALA B 506 3.62 -25.42 6.53
N ILE B 507 3.02 -24.28 6.80
CA ILE B 507 1.60 -24.04 6.67
C ILE B 507 1.48 -23.25 5.41
N ASP B 508 1.00 -23.95 4.38
CA ASP B 508 0.69 -23.43 3.07
C ASP B 508 -0.77 -22.95 3.03
N ASP B 509 -1.41 -22.90 4.20
CA ASP B 509 -2.78 -22.48 4.36
C ASP B 509 -3.11 -21.18 3.67
N ARG B 510 -2.14 -20.26 3.81
CA ARG B 510 -2.28 -18.83 3.72
C ARG B 510 -1.01 -18.15 4.21
N PRO B 511 -0.85 -16.89 3.90
CA PRO B 511 0.34 -16.16 4.29
C PRO B 511 0.35 -15.93 5.80
N SER B 512 1.55 -15.67 6.32
CA SER B 512 1.82 -15.46 7.75
C SER B 512 2.76 -14.30 7.86
N CYS B 513 2.44 -13.43 8.81
CA CYS B 513 3.21 -12.27 9.16
C CYS B 513 3.72 -12.50 10.55
N PHE B 514 4.96 -12.06 10.77
CA PHE B 514 5.69 -12.25 11.98
C PHE B 514 6.32 -10.97 12.32
N ARG B 515 5.78 -10.29 13.30
CA ARG B 515 6.13 -8.92 13.59
C ARG B 515 6.78 -8.81 14.89
N TYR B 516 7.93 -8.19 14.79
CA TYR B 516 8.87 -8.09 15.84
C TYR B 516 9.62 -6.83 15.62
N PRO B 517 10.02 -6.20 16.72
CA PRO B 517 10.37 -4.84 16.69
C PRO B 517 11.77 -4.68 16.21
N ARG B 518 12.09 -3.41 15.97
CA ARG B 518 13.42 -2.93 16.03
C ARG B 518 13.87 -3.12 17.44
N GLY B 519 14.99 -3.78 17.56
CA GLY B 519 15.60 -4.05 18.85
C GLY B 519 16.20 -5.43 18.90
N ASN B 520 16.36 -5.85 20.17
CA ASN B 520 17.04 -7.13 20.49
C ASN B 520 16.17 -7.96 21.43
N GLY B 521 16.36 -9.28 21.45
CA GLY B 521 15.50 -10.16 22.27
C GLY B 521 15.83 -10.11 23.75
N ILE B 522 14.99 -9.44 24.53
CA ILE B 522 15.17 -9.43 26.02
C ILE B 522 14.26 -10.52 26.58
N GLY B 523 14.83 -11.52 27.25
CA GLY B 523 14.03 -12.63 27.80
C GLY B 523 14.62 -13.15 29.09
N VAL B 524 15.27 -12.27 29.85
CA VAL B 524 15.93 -12.67 31.13
C VAL B 524 14.87 -12.75 32.23
N ALA B 525 14.54 -11.61 32.83
CA ALA B 525 13.53 -11.58 33.92
C ALA B 525 12.17 -11.99 33.36
N LEU B 526 11.79 -11.45 32.20
CA LEU B 526 10.46 -11.75 31.62
C LEU B 526 10.49 -13.13 30.95
N PRO B 527 9.42 -13.95 31.04
CA PRO B 527 9.36 -15.23 30.34
C PRO B 527 9.51 -15.03 28.82
N PRO B 528 10.49 -15.70 28.17
CA PRO B 528 10.69 -15.57 26.73
C PRO B 528 9.79 -16.53 25.92
N GLY B 529 10.37 -17.56 25.30
CA GLY B 529 9.59 -18.49 24.47
C GLY B 529 9.99 -19.93 24.68
N ASN B 530 9.92 -20.75 23.63
CA ASN B 530 10.23 -22.21 23.76
C ASN B 530 11.72 -22.47 23.48
N LYS B 531 12.02 -23.24 22.43
CA LYS B 531 13.43 -23.58 22.12
C LYS B 531 13.63 -23.61 20.60
N GLY B 532 12.55 -23.71 19.83
CA GLY B 532 12.66 -23.82 18.37
C GLY B 532 11.69 -24.84 17.82
N VAL B 533 10.61 -25.12 18.54
CA VAL B 533 9.62 -26.15 18.12
C VAL B 533 8.38 -25.45 17.56
N PRO B 534 8.00 -25.68 16.29
CA PRO B 534 6.79 -25.09 15.70
C PRO B 534 5.59 -25.13 16.66
N ILE B 535 4.97 -23.97 16.90
CA ILE B 535 3.85 -23.89 17.88
C ILE B 535 2.52 -24.09 17.15
N GLU B 536 1.40 -23.85 17.85
CA GLU B 536 0.07 -23.92 17.18
C GLU B 536 -0.25 -22.50 16.70
N ILE B 537 -0.41 -22.30 15.39
CA ILE B 537 -0.62 -20.92 14.85
C ILE B 537 -1.96 -20.37 15.34
N GLY B 538 -1.93 -19.19 15.96
CA GLY B 538 -3.13 -18.61 16.45
C GLY B 538 -3.26 -18.81 17.95
N LYS B 539 -2.54 -19.78 18.52
CA LYS B 539 -2.69 -20.14 19.91
C LYS B 539 -1.66 -19.42 20.73
N GLY B 540 -2.15 -18.45 21.47
CA GLY B 540 -1.38 -17.70 22.44
C GLY B 540 -0.81 -18.59 23.51
N ARG B 541 -0.01 -18.01 24.37
CA ARG B 541 0.65 -18.68 25.44
C ARG B 541 0.60 -17.80 26.64
N ILE B 542 -0.10 -18.27 27.68
CA ILE B 542 0.00 -17.68 28.96
C ILE B 542 1.43 -17.87 29.42
N LEU B 543 1.97 -16.76 29.89
CA LEU B 543 3.30 -16.61 30.44
C LEU B 543 3.27 -16.18 31.88
N LYS B 544 2.08 -15.81 32.37
CA LYS B 544 1.85 -15.49 33.75
C LYS B 544 0.49 -15.92 34.11
N GLU B 545 0.35 -16.47 35.30
CA GLU B 545 -0.95 -16.87 35.80
C GLU B 545 -1.72 -15.65 36.21
N GLY B 546 -3.01 -15.85 36.48
CA GLY B 546 -3.93 -14.82 36.88
C GLY B 546 -5.27 -14.92 36.16
N GLU B 547 -6.32 -14.54 36.87
CA GLU B 547 -7.68 -14.55 36.34
C GLU B 547 -8.43 -13.27 36.60
N ARG B 548 -7.84 -12.36 37.37
CA ARG B 548 -8.44 -11.06 37.64
C ARG B 548 -8.32 -10.22 36.38
N VAL B 549 -7.08 -10.11 35.91
CA VAL B 549 -6.72 -9.21 34.86
C VAL B 549 -5.77 -9.94 33.96
N ALA B 550 -6.02 -9.87 32.68
CA ALA B 550 -5.14 -10.54 31.74
C ALA B 550 -4.57 -9.61 30.74
N LEU B 551 -3.24 -9.67 30.58
CA LEU B 551 -2.51 -8.79 29.76
C LEU B 551 -2.16 -9.58 28.56
N LEU B 552 -3.04 -9.47 27.62
CA LEU B 552 -2.84 -10.02 26.32
C LEU B 552 -1.89 -9.05 25.63
N GLY B 553 -0.79 -9.60 25.16
CA GLY B 553 0.18 -8.80 24.43
C GLY B 553 1.33 -9.63 23.94
N TYR B 554 2.18 -9.03 23.09
CA TYR B 554 3.04 -9.83 22.26
C TYR B 554 4.25 -9.03 21.90
N GLY B 555 5.32 -9.76 21.70
CA GLY B 555 6.61 -9.17 21.30
C GLY B 555 6.99 -8.07 22.30
N SER B 556 7.30 -6.87 21.79
CA SER B 556 7.61 -5.69 22.59
C SER B 556 6.51 -5.44 23.62
N ALA B 557 5.26 -5.58 23.23
CA ALA B 557 4.12 -5.41 24.14
C ALA B 557 4.10 -6.49 25.22
N VAL B 558 4.44 -7.76 24.91
CA VAL B 558 4.43 -8.76 25.97
C VAL B 558 5.57 -8.48 26.91
N GLN B 559 6.70 -7.98 26.41
CA GLN B 559 7.79 -7.62 27.28
C GLN B 559 7.34 -6.57 28.23
N SER B 560 6.49 -5.64 27.72
CA SER B 560 5.89 -4.66 28.55
C SER B 560 4.92 -5.24 29.55
N CYS B 561 4.08 -6.17 29.14
CA CYS B 561 3.05 -6.80 29.96
C CYS B 561 3.62 -7.61 31.08
N LEU B 562 4.63 -8.37 30.73
CA LEU B 562 5.34 -9.25 31.64
C LEU B 562 6.10 -8.34 32.56
N GLY B 563 6.66 -7.25 32.02
CA GLY B 563 7.42 -6.26 32.75
C GLY B 563 6.51 -5.54 33.75
N ALA B 564 5.24 -5.32 33.33
CA ALA B 564 4.25 -4.65 34.11
C ALA B 564 3.84 -5.59 35.21
N ALA B 565 3.74 -6.86 34.86
CA ALA B 565 3.24 -7.87 35.74
C ALA B 565 4.34 -8.48 36.57
N VAL B 566 5.56 -7.96 36.50
CA VAL B 566 6.70 -8.53 37.21
C VAL B 566 6.35 -8.73 38.66
N MET B 567 5.77 -7.69 39.28
CA MET B 567 5.40 -7.74 40.66
C MET B 567 4.33 -8.76 40.87
N LEU B 568 3.41 -8.90 39.92
CA LEU B 568 2.39 -9.94 40.01
C LEU B 568 3.06 -11.29 39.95
N GLU B 569 4.19 -11.47 39.27
CA GLU B 569 4.92 -12.73 39.33
C GLU B 569 5.21 -13.06 40.77
N GLU B 570 5.70 -12.03 41.45
CA GLU B 570 6.20 -12.15 42.80
C GLU B 570 5.08 -12.18 43.83
N ARG B 571 3.82 -12.07 43.38
CA ARG B 571 2.63 -11.89 44.20
C ARG B 571 1.57 -12.88 43.80
N GLY B 572 1.99 -14.08 43.41
CA GLY B 572 1.07 -15.21 43.21
C GLY B 572 0.30 -15.12 41.88
N LEU B 573 0.71 -14.16 41.04
CA LEU B 573 0.39 -14.04 39.62
C LEU B 573 -1.11 -13.84 39.52
N ASN B 574 -1.59 -12.74 40.10
CA ASN B 574 -2.95 -12.33 40.02
C ASN B 574 -3.27 -11.84 38.62
N VAL B 575 -2.30 -11.24 37.97
CA VAL B 575 -2.42 -10.69 36.65
C VAL B 575 -1.69 -11.65 35.80
N THR B 576 -2.48 -12.23 34.91
CA THR B 576 -1.96 -13.06 33.89
C THR B 576 -1.50 -12.13 32.81
N VAL B 577 -0.60 -12.73 32.02
CA VAL B 577 -0.01 -12.16 30.89
C VAL B 577 -0.04 -13.29 29.95
N ALA B 578 -0.74 -13.07 28.84
CA ALA B 578 -0.77 -13.95 27.78
C ALA B 578 0.00 -13.30 26.67
N ASP B 579 0.93 -14.11 26.16
CA ASP B 579 1.55 -13.95 24.90
C ASP B 579 0.47 -14.07 23.86
N ALA B 580 -0.03 -12.91 23.44
CA ALA B 580 -0.95 -12.75 22.37
C ALA B 580 -0.18 -12.66 21.08
N ARG B 581 0.85 -13.52 21.00
CA ARG B 581 1.77 -13.75 19.92
C ARG B 581 1.10 -14.18 18.63
N PHE B 582 -0.22 -14.24 18.63
CA PHE B 582 -1.04 -14.27 17.43
C PHE B 582 -2.06 -13.17 17.49
N CYS B 583 -1.97 -12.30 16.52
CA CYS B 583 -2.89 -11.19 16.28
C CYS B 583 -3.92 -11.63 15.25
N LYS B 584 -3.51 -12.54 14.36
CA LYS B 584 -4.38 -13.16 13.39
C LYS B 584 -3.97 -14.58 13.13
N PRO B 585 -4.86 -15.54 13.27
CA PRO B 585 -6.04 -15.36 14.06
C PRO B 585 -5.57 -15.08 15.48
N LEU B 586 -6.40 -14.41 16.29
CA LEU B 586 -6.17 -14.42 17.70
C LEU B 586 -6.35 -15.80 18.25
N ASP B 587 -5.85 -15.98 19.50
CA ASP B 587 -6.20 -17.13 20.26
C ASP B 587 -7.56 -16.80 20.79
N ARG B 588 -8.54 -17.07 19.95
CA ARG B 588 -9.91 -16.81 20.24
C ARG B 588 -10.35 -17.59 21.46
N ALA B 589 -9.83 -18.80 21.58
CA ALA B 589 -10.15 -19.70 22.65
C ALA B 589 -9.59 -19.22 23.95
N LEU B 590 -8.34 -18.73 23.91
CA LEU B 590 -7.73 -18.23 25.13
C LEU B 590 -8.35 -16.94 25.47
N ILE B 591 -8.62 -16.11 24.49
CA ILE B 591 -9.28 -14.88 24.70
C ILE B 591 -10.61 -15.17 25.32
N ARG B 592 -11.33 -16.14 24.78
CA ARG B 592 -12.67 -16.44 25.21
C ARG B 592 -12.60 -16.87 26.63
N SER B 593 -11.58 -17.64 27.01
CA SER B 593 -11.48 -18.28 28.30
C SER B 593 -11.08 -17.26 29.33
N LEU B 594 -10.12 -16.41 29.02
CA LEU B 594 -9.72 -15.33 29.90
C LEU B 594 -10.85 -14.35 29.98
N ALA B 595 -11.50 -14.07 28.86
CA ALA B 595 -12.43 -12.96 28.81
C ALA B 595 -13.76 -13.32 29.45
N LYS B 596 -14.04 -14.61 29.53
CA LYS B 596 -15.24 -15.03 30.19
C LYS B 596 -14.99 -15.20 31.67
N SER B 597 -13.73 -15.24 32.11
CA SER B 597 -13.37 -15.55 33.49
C SER B 597 -12.72 -14.40 34.22
N HIS B 598 -12.30 -13.38 33.46
CA HIS B 598 -11.63 -12.20 33.97
C HIS B 598 -12.62 -11.06 33.97
N GLU B 599 -12.54 -10.31 35.08
CA GLU B 599 -13.20 -9.03 35.23
C GLU B 599 -12.74 -8.05 34.18
N VAL B 600 -11.49 -8.26 33.72
CA VAL B 600 -10.88 -7.41 32.79
C VAL B 600 -9.70 -8.07 32.12
N LEU B 601 -9.37 -7.48 30.97
CA LEU B 601 -8.18 -7.73 30.20
C LEU B 601 -7.51 -6.38 29.98
N ILE B 602 -6.25 -6.48 29.63
CA ILE B 602 -5.51 -5.42 29.07
C ILE B 602 -5.07 -6.00 27.76
N THR B 603 -5.31 -5.34 26.63
CA THR B 603 -4.58 -5.69 25.44
C THR B 603 -3.44 -4.73 25.29
N VAL B 604 -2.34 -5.26 24.80
CA VAL B 604 -1.17 -4.47 24.62
C VAL B 604 -0.62 -4.91 23.29
N GLU B 605 -0.26 -3.92 22.52
CA GLU B 605 0.44 -4.12 21.29
C GLU B 605 1.25 -2.89 21.06
N GLU B 606 2.42 -3.16 20.46
CA GLU B 606 3.25 -2.11 19.94
C GLU B 606 2.70 -1.82 18.57
N GLY B 607 1.50 -1.27 18.57
CA GLY B 607 0.77 -0.97 17.38
C GLY B 607 -0.28 0.08 17.69
N SER B 608 -0.82 0.73 16.67
CA SER B 608 -1.91 1.60 16.81
C SER B 608 -3.08 0.88 17.46
N ILE B 609 -3.94 1.65 18.13
CA ILE B 609 -5.17 1.24 18.77
C ILE B 609 -6.29 0.99 17.77
N GLY B 610 -5.95 0.35 16.67
CA GLY B 610 -6.83 -0.28 15.69
C GLY B 610 -6.44 -1.72 15.42
N GLY B 611 -5.35 -2.19 16.03
CA GLY B 611 -4.73 -3.50 15.75
C GLY B 611 -5.30 -4.55 16.68
N PHE B 612 -4.41 -5.23 17.36
CA PHE B 612 -4.66 -6.31 18.27
C PHE B 612 -5.71 -6.03 19.28
N GLY B 613 -5.68 -4.83 19.87
CA GLY B 613 -6.63 -4.45 20.87
C GLY B 613 -7.96 -4.52 20.18
N SER B 614 -8.11 -3.89 19.02
CA SER B 614 -9.38 -3.90 18.29
C SER B 614 -9.76 -5.30 17.88
N HIS B 615 -8.79 -6.16 17.61
CA HIS B 615 -9.10 -7.56 17.25
C HIS B 615 -9.64 -8.27 18.44
N VAL B 616 -9.02 -8.08 19.60
CA VAL B 616 -9.43 -8.77 20.80
C VAL B 616 -10.84 -8.32 21.05
N VAL B 617 -11.09 -7.02 21.02
CA VAL B 617 -12.39 -6.49 21.31
C VAL B 617 -13.38 -7.01 20.31
N GLN B 618 -12.99 -7.10 19.03
CA GLN B 618 -13.81 -7.66 17.98
C GLN B 618 -14.19 -9.06 18.38
N PHE B 619 -13.23 -9.86 18.78
CA PHE B 619 -13.44 -11.27 18.97
C PHE B 619 -14.30 -11.50 20.19
N LEU B 620 -14.06 -10.69 21.20
CA LEU B 620 -14.85 -10.67 22.41
C LEU B 620 -16.27 -10.28 22.10
N ALA B 621 -16.45 -9.34 21.16
CA ALA B 621 -17.77 -8.89 20.80
C ALA B 621 -18.50 -10.04 20.14
N LEU B 622 -17.76 -10.75 19.28
CA LEU B 622 -18.22 -11.91 18.57
C LEU B 622 -18.50 -13.07 19.50
N ASP B 623 -17.82 -13.08 20.64
CA ASP B 623 -17.96 -14.09 21.69
C ASP B 623 -18.99 -13.59 22.69
N GLY B 624 -19.47 -12.38 22.53
CA GLY B 624 -20.43 -11.72 23.40
C GLY B 624 -19.90 -11.51 24.82
N LEU B 625 -18.60 -11.62 25.00
CA LEU B 625 -17.89 -11.46 26.24
C LEU B 625 -17.68 -10.02 26.60
N LEU B 626 -17.95 -9.10 25.68
CA LEU B 626 -18.03 -7.69 25.95
C LEU B 626 -19.32 -7.29 26.67
N ASP B 627 -19.63 -8.05 27.72
CA ASP B 627 -20.58 -7.59 28.73
C ASP B 627 -19.89 -6.61 29.65
N GLY B 628 -20.72 -5.93 30.45
CA GLY B 628 -20.27 -4.91 31.36
C GLY B 628 -19.44 -5.54 32.47
N LYS B 629 -19.55 -6.87 32.68
CA LYS B 629 -18.70 -7.58 33.62
C LYS B 629 -17.27 -7.53 33.11
N LEU B 630 -17.08 -7.82 31.83
CA LEU B 630 -15.80 -7.81 31.19
C LEU B 630 -15.44 -6.38 30.88
N LYS B 631 -14.14 -6.17 31.07
CA LYS B 631 -13.47 -5.00 30.60
C LYS B 631 -12.25 -5.42 29.82
N TRP B 632 -11.76 -4.47 29.04
CA TRP B 632 -10.55 -4.62 28.28
C TRP B 632 -9.95 -3.26 28.05
N ARG B 633 -8.65 -3.21 28.27
CA ARG B 633 -7.87 -1.99 28.32
C ARG B 633 -6.80 -2.07 27.27
N PRO B 634 -7.07 -1.44 26.14
CA PRO B 634 -6.13 -1.39 25.05
C PRO B 634 -5.05 -0.35 25.36
N MET B 635 -3.82 -0.84 25.51
CA MET B 635 -2.63 -0.12 25.91
C MET B 635 -1.59 -0.28 24.86
N VAL B 636 -1.53 0.75 24.02
CA VAL B 636 -0.94 0.58 22.75
C VAL B 636 -0.44 1.91 22.24
N LEU B 637 -0.05 1.92 20.98
CA LEU B 637 0.22 3.15 20.30
C LEU B 637 -1.07 3.86 20.06
N PRO B 638 -1.15 5.15 20.42
CA PRO B 638 -2.28 5.95 20.10
C PRO B 638 -2.35 6.21 18.61
N ASP B 639 -3.54 6.67 18.24
CA ASP B 639 -3.85 7.13 16.89
C ASP B 639 -3.37 8.56 16.71
N ARG B 640 -2.06 8.68 16.91
CA ARG B 640 -1.25 9.82 16.53
C ARG B 640 0.09 9.25 16.12
N TYR B 641 0.61 9.79 15.01
CA TYR B 641 1.96 9.43 14.60
C TYR B 641 2.96 9.85 15.61
N ILE B 642 4.00 9.06 15.65
CA ILE B 642 4.88 9.07 16.75
C ILE B 642 6.17 9.63 16.29
N ASP B 643 6.42 10.85 16.71
CA ASP B 643 7.67 11.48 16.46
C ASP B 643 8.78 10.71 17.12
N HIS B 644 9.91 10.81 16.45
CA HIS B 644 11.14 10.10 16.72
C HIS B 644 11.52 10.24 18.16
N GLY B 645 11.94 9.11 18.74
CA GLY B 645 12.46 9.09 20.10
C GLY B 645 13.18 7.75 20.38
N ALA B 646 13.30 7.40 21.67
CA ALA B 646 13.39 5.98 21.95
C ALA B 646 12.00 5.40 21.76
N PRO B 647 11.90 4.15 21.31
CA PRO B 647 10.70 3.40 21.49
C PRO B 647 10.24 3.50 22.92
N ALA B 648 11.13 3.34 23.88
CA ALA B 648 10.72 3.36 25.28
C ALA B 648 10.01 4.66 25.58
N ASP B 649 10.56 5.78 25.11
CA ASP B 649 9.92 7.07 25.30
C ASP B 649 8.56 7.07 24.68
N GLN B 650 8.47 6.62 23.44
CA GLN B 650 7.25 6.66 22.67
C GLN B 650 6.17 5.75 23.23
N LEU B 651 6.58 4.56 23.64
CA LEU B 651 5.76 3.53 24.24
C LEU B 651 5.30 3.98 25.60
N ALA B 652 6.13 4.75 26.27
CA ALA B 652 5.80 5.25 27.58
C ALA B 652 4.71 6.29 27.41
N GLU B 653 4.90 7.16 26.43
CA GLU B 653 3.93 8.22 26.14
C GLU B 653 2.67 7.63 25.55
N ALA B 654 2.79 6.50 24.86
CA ALA B 654 1.69 5.75 24.28
C ALA B 654 0.94 5.02 25.37
N GLY B 655 1.66 4.76 26.48
CA GLY B 655 1.21 4.09 27.65
C GLY B 655 1.02 2.59 27.40
N LEU B 656 1.98 1.93 26.77
CA LEU B 656 1.97 0.47 26.74
C LEU B 656 3.13 -0.10 27.48
N MET B 657 4.07 0.74 27.92
CA MET B 657 5.19 0.24 28.69
C MET B 657 4.76 -0.28 30.00
N PRO B 658 5.61 -1.11 30.65
CA PRO B 658 5.26 -1.84 31.83
C PRO B 658 4.59 -0.99 32.87
N SER B 659 5.09 0.23 33.03
CA SER B 659 4.60 1.17 34.01
C SER B 659 3.18 1.54 33.71
N HIS B 660 2.87 1.76 32.45
CA HIS B 660 1.56 2.19 32.03
C HIS B 660 0.62 1.04 32.04
N ILE B 661 1.07 -0.17 31.73
CA ILE B 661 0.24 -1.37 31.84
C ILE B 661 -0.06 -1.58 33.30
N ALA B 662 0.93 -1.35 34.14
CA ALA B 662 0.80 -1.47 35.56
C ALA B 662 -0.12 -0.40 36.11
N ALA B 663 -0.15 0.75 35.44
CA ALA B 663 -1.03 1.82 35.84
C ALA B 663 -2.45 1.49 35.45
N THR B 664 -2.58 0.82 34.32
CA THR B 664 -3.84 0.24 33.89
C THR B 664 -4.20 -0.82 34.86
N ALA B 665 -3.27 -1.62 35.31
CA ALA B 665 -3.60 -2.75 36.17
C ALA B 665 -4.05 -2.21 37.51
N LEU B 666 -3.54 -1.04 37.90
CA LEU B 666 -3.95 -0.32 39.11
C LEU B 666 -5.30 0.37 38.90
N ASN B 667 -5.61 0.75 37.65
CA ASN B 667 -6.90 1.22 37.26
C ASN B 667 -7.91 0.09 37.19
N LEU B 668 -7.41 -1.14 37.28
CA LEU B 668 -8.18 -2.40 37.18
C LEU B 668 -8.14 -3.13 38.51
#